data_1VRB
#
_entry.id   1VRB
#
_cell.length_a   47.300
_cell.length_b   104.660
_cell.length_c   286.610
_cell.angle_alpha   90.00
_cell.angle_beta   90.00
_cell.angle_gamma   90.00
#
_symmetry.space_group_name_H-M   'P 21 21 21'
#
loop_
_entity.id
_entity.type
_entity.pdbx_description
1 polymer 'Putative asparaginyl hydroxylase'
2 non-polymer 'FE (III) ION'
3 water water
#
_entity_poly.entity_id   1
_entity_poly.type   'polypeptide(L)'
_entity_poly.pdbx_seq_one_letter_code
;(MSE)GSDKIHHHHHH(MSE)SAVTESVLESIISPVT(MSE)SEFLEEYWPVKPLVARGEVERFTSIPGFEKVRTLENVL
AIYNNPV(MSE)VVGDAVIEESEGITDRFLVSPAEALEWYEKGAALEFDFTDLFIPQVRRWIEKLKAELRLPAGTSSKAI
VYAAKNGGGFKAHFDAYTNLIFQIQGEKTWKLAKNENVSNP(MSE)QHYDLSEAPYYPDDLQSYWKGDPPKEDLPDAEIV
NLTPGT(MSE)LYLPRGLWHSTKSDQATLALNITFGQPAWLDL(MSE)LAALRKKLISDNRFRELAVNHQSLHESSKSEL
NGYLESLIQTLSENAETLTPEQIFQSQDSDFDPYQSTQLVFRQLLTSYKF
;
_entity_poly.pdbx_strand_id   A,B,C,D
#
# COMPACT_ATOMS: atom_id res chain seq x y z
N VAL A 20 -62.46 7.26 7.61
CA VAL A 20 -61.59 7.67 6.45
C VAL A 20 -62.40 7.69 5.15
N LEU A 21 -62.68 6.48 4.65
CA LEU A 21 -63.44 6.26 3.42
C LEU A 21 -64.75 5.55 3.79
N GLU A 22 -65.12 5.65 5.09
CA GLU A 22 -66.45 5.28 5.51
C GLU A 22 -67.34 6.00 4.52
N SER A 23 -67.19 7.32 4.49
CA SER A 23 -67.72 8.22 3.45
C SER A 23 -67.93 7.57 2.09
N ILE A 24 -66.87 6.98 1.55
CA ILE A 24 -66.87 6.49 0.18
C ILE A 24 -67.75 5.29 0.07
N ILE A 25 -67.53 4.30 0.91
CA ILE A 25 -68.23 3.02 0.78
C ILE A 25 -69.59 2.95 1.53
N SER A 26 -69.94 4.01 2.29
CA SER A 26 -71.26 4.07 2.94
C SER A 26 -72.29 3.66 1.90
N PRO A 27 -73.21 2.75 2.27
CA PRO A 27 -73.65 2.38 3.60
C PRO A 27 -72.76 1.34 4.29
N VAL A 28 -71.71 0.87 3.62
CA VAL A 28 -70.89 -0.18 4.20
C VAL A 28 -69.97 0.39 5.28
N THR A 29 -69.96 -0.27 6.44
CA THR A 29 -69.12 0.15 7.55
C THR A 29 -67.69 -0.30 7.35
N SER A 31 -66.12 -1.42 10.00
CA SER A 31 -66.25 -2.70 10.73
C SER A 31 -66.57 -3.79 9.71
N GLU A 32 -67.61 -3.58 8.91
CA GLU A 32 -68.02 -4.57 7.91
C GLU A 32 -66.86 -4.88 6.95
N PHE A 33 -66.28 -3.83 6.37
CA PHE A 33 -65.29 -4.00 5.30
C PHE A 33 -64.13 -4.88 5.74
N LEU A 34 -63.70 -4.72 6.98
CA LEU A 34 -62.56 -5.49 7.47
C LEU A 34 -62.99 -6.89 7.86
N GLU A 35 -64.15 -7.00 8.52
CA GLU A 35 -64.73 -8.29 8.89
C GLU A 35 -65.07 -9.08 7.62
N GLU A 36 -65.89 -8.51 6.72
CA GLU A 36 -66.48 -9.28 5.62
C GLU A 36 -65.63 -9.36 4.35
N TYR A 37 -64.84 -8.33 4.03
CA TYR A 37 -64.25 -8.21 2.68
C TYR A 37 -62.72 -8.33 2.59
N TRP A 38 -62.04 -7.46 3.31
CA TRP A 38 -60.60 -7.44 3.33
C TRP A 38 -60.08 -8.57 4.18
N PRO A 39 -58.99 -9.20 3.76
CA PRO A 39 -58.24 -8.87 2.59
C PRO A 39 -58.54 -9.78 1.41
N VAL A 40 -59.75 -10.32 1.32
CA VAL A 40 -59.98 -11.39 0.31
C VAL A 40 -61.22 -11.30 -0.60
N LYS A 41 -62.16 -10.41 -0.35
CA LYS A 41 -63.36 -10.42 -1.17
C LYS A 41 -63.50 -9.11 -1.89
N PRO A 42 -63.75 -9.18 -3.18
CA PRO A 42 -63.89 -7.91 -3.86
C PRO A 42 -65.13 -7.24 -3.36
N LEU A 43 -65.15 -5.90 -3.45
CA LEU A 43 -66.26 -5.08 -3.07
C LEU A 43 -66.41 -4.05 -4.19
N VAL A 44 -67.66 -3.67 -4.48
CA VAL A 44 -67.98 -2.63 -5.45
C VAL A 44 -68.89 -1.65 -4.75
N ALA A 45 -68.58 -0.36 -4.87
CA ALA A 45 -69.38 0.66 -4.17
C ALA A 45 -69.70 1.83 -5.11
N ARG A 46 -70.98 2.06 -5.32
CA ARG A 46 -71.43 2.98 -6.35
C ARG A 46 -71.97 4.21 -5.68
N GLY A 47 -71.92 5.32 -6.41
CA GLY A 47 -72.47 6.58 -5.94
C GLY A 47 -71.98 7.70 -6.82
N GLU A 48 -72.17 8.93 -6.34
CA GLU A 48 -71.80 10.13 -7.10
C GLU A 48 -70.31 10.43 -6.99
N VAL A 49 -69.70 10.74 -8.14
CA VAL A 49 -68.24 11.00 -8.20
C VAL A 49 -67.77 12.17 -7.32
N GLU A 50 -68.68 13.08 -6.95
CA GLU A 50 -68.38 14.18 -6.00
C GLU A 50 -67.83 13.67 -4.65
N ARG A 51 -68.23 12.44 -4.28
CA ARG A 51 -67.72 11.73 -3.11
C ARG A 51 -66.19 11.69 -3.09
N PHE A 52 -65.63 11.52 -4.28
CA PHE A 52 -64.21 11.36 -4.43
C PHE A 52 -63.53 12.72 -4.28
N THR A 53 -64.31 13.79 -4.41
CA THR A 53 -63.84 15.15 -4.15
C THR A 53 -62.97 15.28 -2.90
N SER A 54 -63.10 14.36 -1.95
CA SER A 54 -62.41 14.43 -0.65
C SER A 54 -61.01 13.82 -0.63
N ILE A 55 -60.66 13.08 -1.67
CA ILE A 55 -59.33 12.51 -1.74
C ILE A 55 -58.41 13.65 -2.03
N PRO A 56 -57.54 13.98 -1.07
CA PRO A 56 -56.70 15.17 -1.27
C PRO A 56 -55.97 15.12 -2.62
N GLY A 57 -56.27 16.10 -3.47
CA GLY A 57 -55.64 16.23 -4.79
C GLY A 57 -56.41 15.58 -5.93
N PHE A 58 -57.68 15.28 -5.66
CA PHE A 58 -58.55 14.68 -6.66
C PHE A 58 -58.75 15.61 -7.86
N GLU A 59 -58.81 16.93 -7.59
CA GLU A 59 -59.05 17.97 -8.61
C GLU A 59 -58.01 17.92 -9.70
N LYS A 60 -56.74 17.94 -9.33
CA LYS A 60 -55.66 17.89 -10.30
C LYS A 60 -55.45 16.45 -10.87
N VAL A 61 -56.47 15.60 -10.78
CA VAL A 61 -56.41 14.25 -11.36
C VAL A 61 -57.75 13.79 -11.98
N ARG A 62 -58.69 14.71 -11.97
CA ARG A 62 -60.06 14.45 -12.33
C ARG A 62 -60.21 14.18 -13.83
N THR A 63 -59.25 14.65 -14.64
CA THR A 63 -59.29 14.43 -16.09
C THR A 63 -57.92 14.08 -16.60
N LEU A 64 -57.87 13.62 -17.85
CA LEU A 64 -56.61 13.25 -18.49
C LEU A 64 -55.69 14.44 -18.70
N GLU A 65 -56.29 15.55 -19.14
CA GLU A 65 -55.58 16.82 -19.35
C GLU A 65 -54.89 17.27 -18.07
N ASN A 66 -55.65 17.24 -16.95
CA ASN A 66 -55.08 17.59 -15.64
C ASN A 66 -53.86 16.74 -15.27
N VAL A 67 -54.07 15.44 -15.37
CA VAL A 67 -53.03 14.48 -15.03
C VAL A 67 -51.77 14.81 -15.80
N LEU A 68 -51.90 15.08 -17.10
CA LEU A 68 -50.71 15.48 -17.90
C LEU A 68 -50.07 16.78 -17.45
N ALA A 69 -50.86 17.74 -16.99
CA ALA A 69 -50.33 19.04 -16.59
C ALA A 69 -49.34 18.94 -15.46
N ILE A 70 -49.53 17.95 -14.60
CA ILE A 70 -48.70 17.79 -13.42
C ILE A 70 -47.77 16.63 -13.53
N TYR A 71 -48.07 15.67 -14.40
CA TYR A 71 -47.36 14.39 -14.33
C TYR A 71 -46.02 14.54 -15.00
N ASN A 72 -45.02 14.91 -14.21
CA ASN A 72 -43.68 15.21 -14.71
C ASN A 72 -42.75 13.98 -14.67
N ASN A 73 -43.12 12.95 -15.42
CA ASN A 73 -42.31 11.74 -15.50
C ASN A 73 -42.62 10.98 -16.77
N PRO A 74 -41.89 9.89 -17.01
CA PRO A 74 -42.18 9.04 -18.15
C PRO A 74 -43.44 8.21 -17.94
N VAL A 75 -44.29 8.17 -18.95
CA VAL A 75 -45.51 7.43 -18.83
C VAL A 75 -45.30 6.02 -19.39
N VAL A 77 -46.71 2.65 -21.24
CA VAL A 77 -47.64 2.39 -22.30
C VAL A 77 -47.82 0.91 -22.49
N VAL A 78 -49.07 0.47 -22.58
CA VAL A 78 -49.39 -0.96 -22.63
C VAL A 78 -50.57 -1.24 -23.57
N ARG A 92 -45.53 -3.67 -23.23
CA ARG A 92 -45.22 -2.61 -22.25
C ARG A 92 -43.87 -1.88 -22.55
N PHE A 93 -43.90 -0.56 -22.78
CA PHE A 93 -42.67 0.28 -22.83
C PHE A 93 -42.88 1.61 -22.07
N LEU A 94 -41.80 2.27 -21.66
CA LEU A 94 -41.90 3.65 -21.13
C LEU A 94 -41.64 4.72 -22.22
N VAL A 95 -42.11 5.95 -21.97
CA VAL A 95 -42.40 6.89 -23.06
C VAL A 95 -42.61 8.29 -22.49
N SER A 96 -42.45 9.33 -23.31
CA SER A 96 -42.65 10.71 -22.80
C SER A 96 -44.14 10.93 -22.55
N PRO A 97 -44.48 11.99 -21.79
CA PRO A 97 -45.91 12.32 -21.76
C PRO A 97 -46.34 12.50 -23.21
N ALA A 98 -45.57 13.31 -23.94
CA ALA A 98 -45.81 13.58 -25.35
C ALA A 98 -46.04 12.29 -26.14
N GLU A 99 -45.03 11.43 -26.30
CA GLU A 99 -45.21 10.20 -27.10
C GLU A 99 -46.44 9.37 -26.64
N ALA A 100 -46.95 9.63 -25.43
CA ALA A 100 -47.94 8.75 -24.83
C ALA A 100 -49.31 8.85 -25.49
N LEU A 101 -49.77 10.10 -25.62
CA LEU A 101 -51.08 10.38 -26.22
C LEU A 101 -51.22 9.76 -27.62
N GLU A 102 -50.11 9.51 -28.31
CA GLU A 102 -50.12 8.82 -29.61
C GLU A 102 -50.47 7.34 -29.48
N TRP A 103 -50.00 6.74 -28.40
CA TRP A 103 -50.25 5.33 -28.13
C TRP A 103 -51.66 5.13 -27.55
N TYR A 104 -52.17 6.19 -26.92
CA TYR A 104 -53.57 6.27 -26.52
C TYR A 104 -54.43 6.02 -27.74
N GLU A 105 -54.39 6.92 -28.72
CA GLU A 105 -55.20 6.76 -29.91
C GLU A 105 -55.04 5.35 -30.46
N LYS A 106 -53.82 4.85 -30.46
CA LYS A 106 -53.53 3.51 -30.95
C LYS A 106 -54.06 2.38 -30.04
N GLY A 107 -54.67 2.73 -28.91
CA GLY A 107 -55.39 1.74 -28.08
C GLY A 107 -54.59 1.09 -26.96
N ALA A 108 -53.39 1.60 -26.74
CA ALA A 108 -52.57 1.17 -25.63
C ALA A 108 -53.00 1.93 -24.38
N ALA A 109 -52.91 1.28 -23.22
CA ALA A 109 -53.30 1.87 -21.95
C ALA A 109 -52.13 2.60 -21.28
N LEU A 110 -52.44 3.61 -20.46
CA LEU A 110 -51.45 4.52 -19.88
C LEU A 110 -51.40 4.43 -18.36
N GLU A 111 -50.26 3.97 -17.84
CA GLU A 111 -50.06 3.86 -16.42
C GLU A 111 -49.21 5.04 -15.98
N PHE A 112 -49.77 5.88 -15.13
CA PHE A 112 -49.05 7.00 -14.54
C PHE A 112 -48.69 6.54 -13.16
N ASP A 113 -47.69 5.66 -13.10
CA ASP A 113 -47.29 5.08 -11.84
C ASP A 113 -46.71 6.16 -10.97
N PHE A 114 -46.77 5.96 -9.67
CA PHE A 114 -46.31 6.93 -8.69
C PHE A 114 -46.80 8.35 -8.96
N THR A 115 -48.10 8.49 -9.06
CA THR A 115 -48.71 9.82 -9.14
C THR A 115 -48.60 10.63 -7.84
N ASP A 116 -48.56 9.95 -6.68
CA ASP A 116 -48.43 10.60 -5.36
C ASP A 116 -47.28 11.60 -5.23
N LEU A 117 -46.17 11.34 -5.90
CA LEU A 117 -45.14 12.38 -6.10
C LEU A 117 -45.76 13.76 -6.42
N PHE A 118 -46.67 13.76 -7.40
CA PHE A 118 -47.11 14.98 -8.04
C PHE A 118 -48.28 15.59 -7.32
N ILE A 119 -49.07 14.76 -6.64
CA ILE A 119 -49.97 15.31 -5.60
C ILE A 119 -49.64 14.63 -4.30
N PRO A 120 -48.70 15.22 -3.55
CA PRO A 120 -48.27 14.65 -2.29
C PRO A 120 -49.37 14.90 -1.26
N GLN A 121 -50.24 15.88 -1.50
CA GLN A 121 -51.47 15.94 -0.73
C GLN A 121 -51.99 14.51 -0.48
N VAL A 122 -52.02 13.65 -1.53
CA VAL A 122 -52.69 12.34 -1.40
C VAL A 122 -52.01 11.53 -0.34
N ARG A 123 -50.69 11.72 -0.19
CA ARG A 123 -49.87 10.79 0.60
C ARG A 123 -50.27 10.80 2.09
N ARG A 124 -50.65 11.95 2.64
CA ARG A 124 -51.23 11.96 4.00
C ARG A 124 -52.38 10.87 4.06
N TRP A 125 -53.42 11.17 3.24
CA TRP A 125 -54.62 10.35 3.18
C TRP A 125 -54.29 8.89 3.17
N ILE A 126 -53.47 8.45 2.19
CA ILE A 126 -53.05 7.05 2.04
C ILE A 126 -52.39 6.53 3.27
N GLU A 127 -51.42 7.31 3.80
CA GLU A 127 -50.81 6.94 5.11
C GLU A 127 -51.87 6.70 6.23
N LYS A 128 -52.89 7.58 6.37
CA LYS A 128 -54.01 7.24 7.30
C LYS A 128 -54.60 5.89 6.88
N LEU A 129 -54.85 5.73 5.61
CA LEU A 129 -55.50 4.52 5.13
C LEU A 129 -54.78 3.21 5.52
N LYS A 130 -53.46 3.14 5.42
CA LYS A 130 -52.80 1.84 5.73
C LYS A 130 -52.77 1.66 7.26
N ALA A 131 -52.71 2.78 7.97
CA ALA A 131 -52.99 2.78 9.41
C ALA A 131 -54.32 2.09 9.76
N GLU A 132 -55.43 2.61 9.25
CA GLU A 132 -56.76 2.03 9.47
C GLU A 132 -56.84 0.59 8.94
N LEU A 133 -56.17 0.31 7.82
CA LEU A 133 -56.14 -1.07 7.35
C LEU A 133 -55.32 -1.99 8.21
N ARG A 134 -54.62 -1.48 9.22
CA ARG A 134 -53.86 -2.35 10.10
C ARG A 134 -52.76 -3.10 9.30
N LEU A 135 -52.20 -2.44 8.30
CA LEU A 135 -51.08 -2.95 7.56
C LEU A 135 -49.78 -2.60 8.27
N PRO A 136 -48.77 -3.46 8.16
CA PRO A 136 -47.45 -3.19 8.71
C PRO A 136 -46.97 -1.86 8.24
N ALA A 137 -46.13 -1.21 9.04
CA ALA A 137 -45.81 0.20 8.79
C ALA A 137 -44.97 0.33 7.52
N GLY A 138 -44.13 -0.66 7.25
CA GLY A 138 -43.24 -0.57 6.11
C GLY A 138 -43.87 -1.22 4.88
N THR A 139 -45.19 -1.27 4.85
CA THR A 139 -45.89 -1.75 3.67
C THR A 139 -45.84 -0.67 2.59
N SER A 140 -45.58 -1.12 1.35
CA SER A 140 -45.53 -0.22 0.20
C SER A 140 -46.91 0.37 -0.12
N SER A 141 -46.91 1.58 -0.69
CA SER A 141 -48.15 2.26 -1.03
C SER A 141 -47.97 3.39 -2.04
N LYS A 142 -48.68 3.32 -3.17
CA LYS A 142 -48.62 4.36 -4.18
C LYS A 142 -50.00 4.66 -4.70
N ALA A 143 -50.10 5.79 -5.42
CA ALA A 143 -51.23 6.11 -6.29
C ALA A 143 -50.79 5.82 -7.72
N ILE A 144 -51.71 5.35 -8.56
CA ILE A 144 -51.49 5.18 -9.99
C ILE A 144 -52.71 5.70 -10.72
N VAL A 145 -52.51 6.48 -11.77
CA VAL A 145 -53.63 6.77 -12.66
C VAL A 145 -53.53 5.88 -13.88
N TYR A 146 -54.69 5.45 -14.37
CA TYR A 146 -54.81 4.72 -15.63
C TYR A 146 -55.77 5.49 -16.50
N ALA A 147 -55.49 5.51 -17.78
CA ALA A 147 -56.36 6.12 -18.75
C ALA A 147 -56.25 5.30 -20.02
N ALA A 148 -57.39 5.03 -20.65
CA ALA A 148 -57.46 4.16 -21.82
C ALA A 148 -58.75 4.43 -22.59
N LYS A 149 -58.77 4.00 -23.85
CA LYS A 149 -59.67 4.55 -24.83
C LYS A 149 -60.23 3.54 -25.81
N ASN A 150 -59.41 2.82 -26.55
CA ASN A 150 -59.95 2.41 -27.84
C ASN A 150 -59.54 1.08 -28.48
N GLY A 151 -59.94 -0.07 -27.94
CA GLY A 151 -60.49 -0.23 -26.60
C GLY A 151 -59.59 -1.23 -25.88
N GLY A 152 -58.68 -0.73 -25.06
CA GLY A 152 -57.65 -1.55 -24.48
C GLY A 152 -57.69 -1.60 -22.98
N GLY A 153 -56.60 -2.12 -22.42
CA GLY A 153 -56.48 -2.41 -20.99
C GLY A 153 -55.51 -3.55 -20.76
N PHE A 154 -55.89 -4.49 -19.90
CA PHE A 154 -54.96 -5.50 -19.40
C PHE A 154 -55.60 -6.87 -19.48
N LYS A 155 -54.96 -7.81 -20.18
CA LYS A 155 -55.42 -9.21 -20.23
C LYS A 155 -55.36 -9.86 -18.85
N ALA A 156 -55.96 -11.03 -18.72
CA ALA A 156 -56.20 -11.65 -17.39
C ALA A 156 -54.96 -12.00 -16.62
N HIS A 157 -54.90 -11.57 -15.38
CA HIS A 157 -53.76 -11.83 -14.51
C HIS A 157 -54.16 -11.60 -13.07
N PHE A 158 -53.30 -12.00 -12.13
CA PHE A 158 -53.51 -11.59 -10.76
C PHE A 158 -52.26 -11.03 -10.23
N ASP A 159 -52.38 -10.25 -9.16
CA ASP A 159 -51.30 -9.52 -8.60
C ASP A 159 -51.05 -9.97 -7.16
N ALA A 160 -49.82 -9.84 -6.70
CA ALA A 160 -49.57 -9.98 -5.29
C ALA A 160 -49.93 -8.70 -4.48
N TYR A 161 -50.26 -7.58 -5.12
CA TYR A 161 -50.67 -6.31 -4.38
C TYR A 161 -52.20 -6.31 -4.28
N THR A 162 -52.78 -5.34 -3.60
CA THR A 162 -54.21 -5.12 -3.45
C THR A 162 -54.53 -3.65 -3.79
N ASN A 163 -55.74 -3.35 -4.30
CA ASN A 163 -56.07 -1.96 -4.68
C ASN A 163 -57.48 -1.53 -4.50
N LEU A 164 -57.65 -0.31 -3.98
CA LEU A 164 -58.84 0.48 -4.24
C LEU A 164 -58.70 1.07 -5.64
N ILE A 165 -59.73 0.95 -6.45
CA ILE A 165 -59.79 1.63 -7.72
C ILE A 165 -60.92 2.61 -7.71
N PHE A 166 -60.75 3.74 -8.36
CA PHE A 166 -61.80 4.77 -8.36
C PHE A 166 -62.11 5.22 -9.79
N GLN A 167 -63.32 4.98 -10.28
CA GLN A 167 -63.66 5.39 -11.63
C GLN A 167 -64.08 6.85 -11.67
N ILE A 168 -63.38 7.62 -12.48
CA ILE A 168 -63.50 9.05 -12.51
C ILE A 168 -64.20 9.52 -13.76
N GLN A 169 -63.74 9.03 -14.91
CA GLN A 169 -64.39 9.28 -16.19
C GLN A 169 -64.54 7.94 -16.89
N GLY A 170 -65.66 7.75 -17.58
CA GLY A 170 -65.84 6.65 -18.54
C GLY A 170 -66.35 5.39 -17.90
N GLU A 171 -66.42 4.32 -18.70
CA GLU A 171 -66.92 3.02 -18.26
C GLU A 171 -65.93 1.94 -18.64
N LYS A 172 -65.35 1.29 -17.63
CA LYS A 172 -64.32 0.28 -17.84
C LYS A 172 -64.90 -1.08 -17.57
N THR A 173 -64.72 -2.01 -18.51
CA THR A 173 -65.23 -3.35 -18.29
C THR A 173 -64.18 -4.14 -17.54
N TRP A 174 -64.58 -4.78 -16.44
CA TRP A 174 -63.71 -5.63 -15.63
C TRP A 174 -64.25 -7.04 -15.56
N LYS A 175 -63.44 -8.05 -15.86
CA LYS A 175 -63.79 -9.42 -15.51
C LYS A 175 -63.13 -9.72 -14.18
N LEU A 176 -63.82 -10.47 -13.31
CA LEU A 176 -63.34 -10.91 -11.98
C LEU A 176 -63.60 -12.41 -11.78
N ALA A 177 -62.66 -13.11 -11.14
CA ALA A 177 -62.71 -14.58 -10.96
C ALA A 177 -61.90 -15.04 -9.76
N LYS A 178 -62.61 -15.59 -8.78
CA LYS A 178 -62.06 -16.12 -7.54
C LYS A 178 -60.88 -16.91 -7.97
N ASN A 179 -59.76 -16.73 -7.27
CA ASN A 179 -58.60 -17.57 -7.49
C ASN A 179 -58.83 -18.93 -6.79
N GLU A 180 -58.81 -20.00 -7.59
CA GLU A 180 -59.01 -21.36 -7.09
C GLU A 180 -57.77 -22.18 -7.34
N ASN A 181 -56.69 -21.50 -7.65
CA ASN A 181 -55.43 -22.14 -7.88
C ASN A 181 -54.46 -21.82 -6.77
N VAL A 182 -54.53 -20.63 -6.15
CA VAL A 182 -53.54 -20.25 -5.11
C VAL A 182 -54.09 -19.33 -4.04
N SER A 183 -53.65 -19.53 -2.80
CA SER A 183 -54.40 -18.96 -1.67
C SER A 183 -53.99 -17.50 -1.44
N ASN A 184 -52.68 -17.25 -1.35
CA ASN A 184 -52.15 -15.97 -0.91
C ASN A 184 -50.86 -15.67 -1.70
N PRO A 185 -50.99 -15.34 -2.98
CA PRO A 185 -49.83 -15.42 -3.84
C PRO A 185 -48.83 -14.30 -3.58
N GLN A 187 -46.36 -13.28 -5.94
CA GLN A 187 -45.91 -12.63 -7.18
C GLN A 187 -47.12 -12.46 -8.12
N HIS A 188 -46.95 -11.70 -9.21
CA HIS A 188 -47.95 -11.57 -10.25
C HIS A 188 -47.82 -12.84 -11.04
N TYR A 189 -48.87 -13.14 -11.79
CA TYR A 189 -48.81 -14.18 -12.80
C TYR A 189 -49.92 -13.86 -13.79
N ASP A 190 -49.60 -14.04 -15.06
CA ASP A 190 -50.47 -13.76 -16.20
C ASP A 190 -50.72 -15.10 -16.98
N LEU A 191 -51.76 -15.16 -17.80
CA LEU A 191 -52.15 -16.43 -18.36
C LEU A 191 -51.18 -16.79 -19.51
N SER A 192 -50.47 -17.92 -19.32
CA SER A 192 -49.18 -18.21 -19.96
C SER A 192 -49.01 -19.71 -20.17
N TYR A 197 -45.95 -22.10 -15.04
CA TYR A 197 -45.76 -21.61 -13.64
C TYR A 197 -44.28 -21.44 -13.21
N PRO A 198 -43.88 -20.23 -12.80
CA PRO A 198 -42.55 -20.05 -12.13
C PRO A 198 -42.21 -21.11 -11.04
N ASP A 199 -41.05 -20.93 -10.40
CA ASP A 199 -40.55 -21.84 -9.35
C ASP A 199 -41.33 -21.72 -8.02
N ASP A 200 -41.34 -20.51 -7.46
CA ASP A 200 -41.90 -20.32 -6.13
C ASP A 200 -43.41 -20.59 -6.19
N LEU A 201 -44.08 -20.01 -7.19
CA LEU A 201 -45.53 -20.15 -7.34
C LEU A 201 -45.91 -21.63 -7.48
N GLN A 202 -45.17 -22.37 -8.33
CA GLN A 202 -45.48 -23.80 -8.55
C GLN A 202 -45.50 -24.61 -7.26
N SER A 203 -44.81 -24.15 -6.22
CA SER A 203 -44.83 -24.86 -4.93
C SER A 203 -46.22 -24.86 -4.29
N TYR A 204 -47.01 -23.81 -4.49
CA TYR A 204 -48.31 -23.70 -3.85
C TYR A 204 -49.53 -23.78 -4.78
N TRP A 205 -49.29 -24.01 -6.07
CA TRP A 205 -50.36 -24.07 -7.07
C TRP A 205 -51.22 -25.31 -6.87
N LYS A 206 -52.53 -25.17 -7.08
CA LYS A 206 -53.46 -26.29 -7.08
C LYS A 206 -54.44 -26.20 -8.25
N GLY A 207 -54.62 -27.31 -8.98
CA GLY A 207 -55.67 -27.41 -9.97
C GLY A 207 -55.46 -26.75 -11.33
N ASP A 208 -56.55 -26.71 -12.11
CA ASP A 208 -56.53 -26.27 -13.52
C ASP A 208 -56.71 -24.76 -13.56
N PRO A 209 -55.99 -24.08 -14.45
CA PRO A 209 -56.19 -22.62 -14.51
C PRO A 209 -57.47 -22.23 -15.28
N PRO A 210 -57.93 -20.98 -15.09
CA PRO A 210 -59.08 -20.53 -15.85
C PRO A 210 -58.78 -20.47 -17.34
N LYS A 211 -59.82 -20.46 -18.16
CA LYS A 211 -59.68 -20.18 -19.59
C LYS A 211 -59.09 -18.78 -19.86
N GLU A 212 -58.30 -18.68 -20.94
CA GLU A 212 -57.57 -17.46 -21.27
C GLU A 212 -58.51 -16.26 -21.32
N ASP A 213 -59.66 -16.47 -21.98
CA ASP A 213 -60.71 -15.44 -22.14
C ASP A 213 -61.48 -15.12 -20.86
N LEU A 214 -61.20 -15.81 -19.76
CA LEU A 214 -61.95 -15.67 -18.51
C LEU A 214 -63.46 -15.68 -18.71
N PRO A 215 -63.99 -16.80 -19.22
CA PRO A 215 -65.40 -17.10 -19.01
C PRO A 215 -65.58 -17.48 -17.52
N ASP A 216 -66.74 -18.01 -17.16
CA ASP A 216 -67.01 -18.41 -15.78
C ASP A 216 -66.61 -17.30 -14.78
N ALA A 217 -66.84 -16.03 -15.14
CA ALA A 217 -66.33 -14.87 -14.38
C ALA A 217 -67.33 -13.70 -14.37
N GLU A 218 -67.46 -13.02 -13.23
CA GLU A 218 -68.38 -11.90 -13.10
C GLU A 218 -67.80 -10.78 -13.92
N ILE A 219 -68.58 -10.29 -14.87
CA ILE A 219 -68.27 -9.03 -15.51
C ILE A 219 -68.80 -7.91 -14.61
N VAL A 220 -68.14 -6.75 -14.64
CA VAL A 220 -68.51 -5.61 -13.82
C VAL A 220 -68.18 -4.30 -14.54
N ASN A 221 -69.21 -3.48 -14.74
CA ASN A 221 -69.10 -2.22 -15.46
C ASN A 221 -68.99 -1.05 -14.50
N LEU A 222 -67.76 -0.80 -14.14
CA LEU A 222 -67.33 0.35 -13.38
C LEU A 222 -67.59 1.69 -14.09
N THR A 223 -68.41 2.53 -13.47
CA THR A 223 -68.80 3.84 -14.02
C THR A 223 -68.44 4.96 -13.04
N PRO A 224 -68.52 6.21 -13.49
CA PRO A 224 -68.10 7.30 -12.63
C PRO A 224 -68.71 7.28 -11.25
N GLY A 225 -67.83 7.51 -10.27
CA GLY A 225 -68.17 7.37 -8.86
C GLY A 225 -68.15 5.94 -8.34
N THR A 226 -67.82 4.96 -9.18
CA THR A 226 -67.68 3.60 -8.67
C THR A 226 -66.29 3.45 -8.07
N LEU A 228 -63.90 0.14 -6.63
CA LEU A 228 -63.77 -1.30 -6.54
C LEU A 228 -62.58 -1.60 -5.65
N TYR A 229 -62.76 -2.51 -4.70
CA TYR A 229 -61.68 -3.02 -3.89
C TYR A 229 -61.24 -4.34 -4.52
N LEU A 230 -60.01 -4.39 -5.03
CA LEU A 230 -59.49 -5.61 -5.70
C LEU A 230 -58.52 -6.30 -4.77
N PRO A 231 -58.91 -7.45 -4.21
CA PRO A 231 -58.03 -8.07 -3.23
C PRO A 231 -56.90 -8.77 -3.90
N ARG A 232 -55.85 -9.04 -3.12
CA ARG A 232 -54.68 -9.73 -3.63
C ARG A 232 -55.14 -11.10 -4.08
N GLY A 233 -54.66 -11.56 -5.22
CA GLY A 233 -54.87 -12.94 -5.66
C GLY A 233 -55.93 -13.06 -6.71
N LEU A 234 -56.89 -12.14 -6.72
CA LEU A 234 -58.06 -12.28 -7.58
C LEU A 234 -57.69 -12.10 -9.05
N TRP A 235 -58.17 -13.01 -9.88
CA TRP A 235 -57.93 -12.93 -11.32
C TRP A 235 -58.71 -11.75 -11.88
N HIS A 236 -58.07 -10.93 -12.72
CA HIS A 236 -58.78 -9.81 -13.30
C HIS A 236 -58.24 -9.34 -14.63
N SER A 237 -59.12 -8.70 -15.43
CA SER A 237 -58.75 -8.02 -16.68
C SER A 237 -59.58 -6.75 -16.92
N THR A 238 -59.06 -5.85 -17.78
CA THR A 238 -59.76 -4.62 -18.14
C THR A 238 -59.83 -4.39 -19.65
N LYS A 239 -60.88 -3.69 -20.07
CA LYS A 239 -61.11 -3.25 -21.46
C LYS A 239 -61.90 -1.96 -21.40
N SER A 240 -61.50 -0.97 -22.19
CA SER A 240 -62.22 0.32 -22.21
C SER A 240 -62.72 0.62 -23.64
N ASP A 241 -64.01 0.41 -23.92
CA ASP A 241 -64.61 0.73 -25.24
C ASP A 241 -64.36 2.20 -25.62
N GLN A 242 -64.83 3.10 -24.75
CA GLN A 242 -64.58 4.55 -24.88
C GLN A 242 -63.48 4.91 -23.89
N ALA A 243 -63.22 6.21 -23.76
CA ALA A 243 -62.17 6.72 -22.88
C ALA A 243 -62.56 6.59 -21.40
N THR A 244 -61.60 6.09 -20.62
CA THR A 244 -61.73 5.82 -19.19
C THR A 244 -60.59 6.52 -18.51
N LEU A 245 -60.84 7.01 -17.31
CA LEU A 245 -59.76 7.47 -16.45
C LEU A 245 -60.07 6.95 -15.05
N ALA A 246 -59.09 6.29 -14.44
CA ALA A 246 -59.29 5.70 -13.12
C ALA A 246 -58.10 5.91 -12.22
N LEU A 247 -58.39 6.29 -10.97
CA LEU A 247 -57.39 6.44 -9.94
C LEU A 247 -57.39 5.20 -9.10
N ASN A 248 -56.21 4.79 -8.69
CA ASN A 248 -55.96 3.46 -8.22
C ASN A 248 -54.97 3.65 -7.05
N ILE A 249 -55.25 3.02 -5.91
CA ILE A 249 -54.37 3.12 -4.75
C ILE A 249 -53.81 1.72 -4.43
N THR A 250 -52.59 1.37 -4.87
CA THR A 250 -51.98 0.09 -4.55
C THR A 250 -51.32 0.07 -3.18
N PHE A 251 -51.61 -0.97 -2.39
CA PHE A 251 -50.86 -1.29 -1.18
C PHE A 251 -50.22 -2.67 -1.37
N GLY A 252 -48.99 -2.85 -0.86
CA GLY A 252 -48.34 -4.15 -0.73
C GLY A 252 -49.02 -5.06 0.29
N GLN A 253 -48.69 -6.35 0.22
CA GLN A 253 -49.27 -7.34 1.10
C GLN A 253 -48.18 -8.19 1.76
N PRO A 254 -47.50 -7.61 2.75
CA PRO A 254 -46.41 -8.28 3.46
C PRO A 254 -46.86 -9.50 4.26
N ALA A 255 -46.37 -10.65 3.87
CA ALA A 255 -46.65 -11.88 4.56
C ALA A 255 -45.86 -12.02 5.88
N TRP A 256 -46.28 -12.98 6.71
CA TRP A 256 -45.52 -13.23 7.89
C TRP A 256 -44.15 -13.68 7.45
N LEU A 257 -44.10 -14.55 6.45
CA LEU A 257 -42.80 -15.04 6.00
C LEU A 257 -41.81 -13.90 5.84
N ASP A 258 -42.29 -12.81 5.23
CA ASP A 258 -41.49 -11.61 5.04
C ASP A 258 -40.98 -11.01 6.33
N LEU A 259 -41.84 -10.83 7.32
CA LEU A 259 -41.41 -10.15 8.56
C LEU A 259 -40.44 -11.06 9.32
N LEU A 261 -38.27 -13.35 8.11
CA LEU A 261 -36.94 -13.32 7.54
C LEU A 261 -36.24 -12.00 7.79
N ALA A 262 -36.92 -10.92 7.55
CA ALA A 262 -36.39 -9.61 8.03
C ALA A 262 -35.79 -9.72 9.44
N ALA A 263 -36.59 -10.28 10.35
CA ALA A 263 -36.19 -10.37 11.73
C ALA A 263 -35.04 -11.32 11.89
N LEU A 264 -35.10 -12.46 11.21
CA LEU A 264 -33.99 -13.44 11.26
C LEU A 264 -32.69 -12.81 10.80
N ARG A 265 -32.75 -12.09 9.68
CA ARG A 265 -31.64 -11.25 9.18
C ARG A 265 -31.04 -10.26 10.18
N LYS A 266 -31.83 -9.49 10.94
CA LYS A 266 -31.24 -8.53 11.89
C LYS A 266 -30.40 -9.38 12.88
N LYS A 267 -30.86 -10.58 13.19
CA LYS A 267 -30.15 -11.34 14.19
C LYS A 267 -28.81 -11.66 13.59
N LEU A 268 -28.83 -12.36 12.48
CA LEU A 268 -27.63 -12.96 11.91
C LEU A 268 -26.56 -12.06 11.27
N ILE A 269 -26.89 -10.81 10.96
CA ILE A 269 -26.04 -10.04 10.06
C ILE A 269 -24.79 -9.55 10.78
N SER A 270 -24.87 -9.54 12.11
CA SER A 270 -23.77 -9.08 12.90
C SER A 270 -22.67 -10.13 12.95
N ASP A 271 -23.00 -11.40 12.68
CA ASP A 271 -22.01 -12.50 12.71
C ASP A 271 -21.30 -12.52 11.40
N ASN A 272 -19.99 -12.23 11.42
CA ASN A 272 -19.22 -12.17 10.15
C ASN A 272 -19.13 -13.46 9.39
N ARG A 273 -19.29 -14.60 10.01
CA ARG A 273 -19.26 -15.81 9.16
C ARG A 273 -20.38 -15.65 8.11
N PHE A 274 -21.47 -14.91 8.47
CA PHE A 274 -22.65 -14.85 7.58
C PHE A 274 -22.53 -13.81 6.44
N ARG A 275 -21.56 -12.92 6.54
CA ARG A 275 -21.40 -11.87 5.53
C ARG A 275 -20.39 -12.29 4.50
N GLU A 276 -19.65 -13.36 4.73
CA GLU A 276 -18.77 -13.82 3.67
C GLU A 276 -19.43 -14.02 2.33
N LEU A 277 -18.74 -13.59 1.28
CA LEU A 277 -19.04 -13.95 -0.12
C LEU A 277 -19.41 -15.39 -0.29
N ALA A 278 -20.50 -15.61 -1.01
CA ALA A 278 -20.93 -16.93 -1.36
C ALA A 278 -20.23 -17.39 -2.67
N VAL A 279 -20.26 -18.67 -3.01
CA VAL A 279 -19.67 -19.10 -4.29
C VAL A 279 -20.65 -19.92 -5.08
N ASN A 280 -20.28 -20.27 -6.31
CA ASN A 280 -21.04 -21.19 -7.14
C ASN A 280 -20.25 -22.48 -7.18
N HIS A 281 -20.64 -23.38 -6.28
CA HIS A 281 -20.10 -24.76 -6.22
C HIS A 281 -19.76 -25.39 -7.57
N GLN A 282 -20.63 -25.22 -8.58
CA GLN A 282 -20.36 -25.87 -9.89
C GLN A 282 -18.90 -25.63 -10.30
N SER A 283 -18.40 -24.44 -9.99
CA SER A 283 -16.99 -24.10 -10.15
C SER A 283 -16.03 -25.06 -9.42
N LEU A 284 -16.21 -25.25 -8.10
CA LEU A 284 -15.15 -25.78 -7.24
C LEU A 284 -14.70 -27.22 -7.50
N HIS A 285 -13.46 -27.53 -7.08
CA HIS A 285 -12.95 -28.90 -7.07
C HIS A 285 -13.64 -29.73 -5.98
N GLU A 286 -13.71 -31.06 -6.20
CA GLU A 286 -14.42 -31.93 -5.23
C GLU A 286 -13.93 -31.64 -3.78
N SER A 287 -12.61 -31.67 -3.54
CA SER A 287 -12.04 -31.19 -2.27
C SER A 287 -12.67 -29.88 -1.79
N SER A 288 -12.60 -28.86 -2.65
CA SER A 288 -12.92 -27.52 -2.23
C SER A 288 -14.42 -27.43 -1.86
N LYS A 289 -15.28 -28.16 -2.59
CA LYS A 289 -16.71 -28.19 -2.27
C LYS A 289 -16.99 -28.87 -0.91
N SER A 290 -16.45 -30.08 -0.69
CA SER A 290 -16.50 -30.67 0.67
C SER A 290 -16.22 -29.60 1.78
N GLU A 291 -15.08 -28.92 1.67
CA GLU A 291 -14.66 -27.93 2.66
C GLU A 291 -15.77 -26.89 2.84
N LEU A 292 -16.48 -26.60 1.75
CA LEU A 292 -17.66 -25.73 1.81
C LEU A 292 -18.89 -26.34 2.52
N ASN A 293 -19.17 -27.62 2.32
CA ASN A 293 -20.24 -28.28 3.11
C ASN A 293 -20.10 -28.08 4.63
N GLY A 294 -18.87 -28.29 5.12
CA GLY A 294 -18.55 -28.22 6.52
C GLY A 294 -18.72 -26.80 6.94
N TYR A 295 -18.18 -25.89 6.15
CA TYR A 295 -18.31 -24.51 6.48
C TYR A 295 -19.81 -24.20 6.61
N LEU A 296 -20.62 -24.78 5.73
CA LEU A 296 -22.03 -24.43 5.75
C LEU A 296 -22.82 -25.12 6.84
N GLU A 297 -22.53 -26.42 7.10
CA GLU A 297 -23.16 -27.13 8.22
C GLU A 297 -23.02 -26.33 9.52
N SER A 298 -21.94 -25.60 9.67
CA SER A 298 -21.69 -24.83 10.84
C SER A 298 -22.46 -23.50 10.86
N LEU A 299 -22.83 -23.00 9.69
CA LEU A 299 -23.71 -21.82 9.62
C LEU A 299 -25.14 -22.27 9.82
N ILE A 300 -25.50 -23.34 9.12
CA ILE A 300 -26.82 -23.90 9.25
C ILE A 300 -27.16 -24.10 10.72
N GLN A 301 -26.22 -24.62 11.52
CA GLN A 301 -26.53 -24.89 12.93
C GLN A 301 -26.75 -23.60 13.70
N THR A 302 -25.85 -22.66 13.54
CA THR A 302 -26.05 -21.35 14.14
C THR A 302 -27.35 -20.66 13.72
N LEU A 303 -27.83 -21.02 12.51
CA LEU A 303 -29.03 -20.46 11.93
C LEU A 303 -30.24 -21.08 12.58
N SER A 304 -30.23 -22.40 12.67
CA SER A 304 -31.27 -23.11 13.38
C SER A 304 -31.42 -22.54 14.79
N GLU A 305 -30.29 -22.20 15.42
CA GLU A 305 -30.29 -21.84 16.82
C GLU A 305 -30.86 -20.45 17.05
N ASN A 306 -30.48 -19.53 16.18
CA ASN A 306 -31.02 -18.17 16.24
C ASN A 306 -32.49 -18.09 15.85
N ALA A 307 -32.91 -19.03 15.02
CA ALA A 307 -34.31 -19.16 14.62
C ALA A 307 -35.14 -19.74 15.74
N GLU A 308 -34.56 -20.70 16.48
CA GLU A 308 -35.19 -21.22 17.71
C GLU A 308 -35.46 -20.13 18.75
N THR A 309 -34.73 -19.02 18.72
CA THR A 309 -34.81 -18.00 19.76
C THR A 309 -35.59 -16.78 19.37
N LEU A 310 -36.16 -16.78 18.17
CA LEU A 310 -36.89 -15.62 17.69
C LEU A 310 -38.13 -15.49 18.52
N THR A 311 -38.39 -14.32 19.09
CA THR A 311 -39.67 -14.04 19.75
C THR A 311 -40.61 -13.48 18.70
N PRO A 312 -41.93 -13.49 18.99
CA PRO A 312 -42.86 -12.68 18.21
C PRO A 312 -42.66 -11.15 18.30
N GLU A 313 -42.18 -10.60 19.43
CA GLU A 313 -41.89 -9.15 19.47
C GLU A 313 -40.79 -8.83 18.46
N GLN A 314 -39.76 -9.66 18.39
CA GLN A 314 -38.77 -9.52 17.31
C GLN A 314 -39.46 -9.42 15.96
N ILE A 315 -40.54 -10.19 15.74
CA ILE A 315 -41.20 -10.11 14.43
C ILE A 315 -42.02 -8.81 14.28
N PHE A 316 -42.98 -8.61 15.15
CA PHE A 316 -43.62 -7.29 15.23
C PHE A 316 -42.69 -6.05 15.17
N GLN A 317 -41.49 -6.14 15.75
CA GLN A 317 -40.49 -5.08 15.59
C GLN A 317 -39.86 -5.00 14.18
N SER A 318 -39.96 -6.02 13.32
CA SER A 318 -39.40 -5.83 11.99
C SER A 318 -40.47 -5.29 11.03
N GLN A 319 -41.61 -4.86 11.56
CA GLN A 319 -42.72 -4.43 10.69
C GLN A 319 -42.42 -3.20 9.87
N ASP A 320 -41.29 -2.52 10.12
CA ASP A 320 -40.95 -1.30 9.40
C ASP A 320 -39.84 -1.60 8.35
N SER A 321 -39.38 -2.84 8.32
CA SER A 321 -38.44 -3.23 7.25
C SER A 321 -39.02 -2.81 5.90
N ASP A 322 -38.28 -3.04 4.82
CA ASP A 322 -38.71 -2.73 3.47
C ASP A 322 -38.95 -4.04 2.76
N PHE A 323 -40.22 -4.36 2.53
CA PHE A 323 -40.61 -5.68 2.02
C PHE A 323 -40.66 -5.70 0.51
N ASP A 324 -40.41 -4.53 -0.12
CA ASP A 324 -40.60 -4.33 -1.58
C ASP A 324 -39.58 -3.28 -2.10
N PRO A 325 -38.27 -3.67 -2.06
CA PRO A 325 -37.19 -2.79 -2.52
C PRO A 325 -37.49 -2.36 -3.96
N TYR A 326 -38.02 -3.28 -4.75
CA TYR A 326 -38.47 -2.97 -6.08
C TYR A 326 -39.25 -1.64 -6.14
N GLN A 327 -40.34 -1.52 -5.40
CA GLN A 327 -41.12 -0.28 -5.46
C GLN A 327 -40.30 0.91 -5.01
N SER A 328 -39.68 0.76 -3.85
CA SER A 328 -38.85 1.83 -3.26
C SER A 328 -37.77 2.36 -4.20
N THR A 329 -37.23 1.46 -5.01
CA THR A 329 -36.24 1.83 -5.99
C THR A 329 -36.87 2.59 -7.17
N GLN A 330 -38.03 2.14 -7.65
CA GLN A 330 -38.69 2.83 -8.76
C GLN A 330 -39.02 4.22 -8.32
N LEU A 331 -39.50 4.32 -7.10
CA LEU A 331 -39.84 5.58 -6.52
C LEU A 331 -38.67 6.55 -6.58
N VAL A 332 -37.45 6.09 -6.30
CA VAL A 332 -36.37 7.05 -6.30
C VAL A 332 -35.86 7.29 -7.74
N PHE A 333 -35.85 6.25 -8.56
CA PHE A 333 -35.49 6.39 -9.96
C PHE A 333 -36.38 7.43 -10.60
N ARG A 334 -37.67 7.34 -10.33
CA ARG A 334 -38.59 8.32 -10.88
C ARG A 334 -38.36 9.70 -10.32
N GLN A 335 -37.96 9.80 -9.06
CA GLN A 335 -37.71 11.11 -8.47
C GLN A 335 -36.64 11.89 -9.26
N LEU A 336 -35.53 11.20 -9.54
CA LEU A 336 -34.42 11.70 -10.35
C LEU A 336 -34.78 12.12 -11.77
N LEU A 337 -35.85 11.53 -12.30
CA LEU A 337 -36.36 11.90 -13.63
C LEU A 337 -37.29 13.11 -13.63
N THR A 338 -37.68 13.59 -12.46
CA THR A 338 -38.67 14.67 -12.38
C THR A 338 -38.15 15.99 -13.01
N VAL B 20 -8.61 -15.03 -19.28
CA VAL B 20 -9.46 -14.20 -20.21
C VAL B 20 -9.12 -12.68 -20.05
N LEU B 21 -9.47 -12.18 -18.87
CA LEU B 21 -8.84 -11.06 -18.20
C LEU B 21 -7.31 -11.15 -18.11
N GLU B 22 -6.73 -12.31 -18.34
CA GLU B 22 -5.36 -12.53 -17.97
C GLU B 22 -4.40 -11.79 -18.91
N SER B 23 -4.90 -11.26 -20.02
CA SER B 23 -4.08 -10.38 -20.87
C SER B 23 -3.94 -8.99 -20.22
N ILE B 24 -4.99 -8.57 -19.52
CA ILE B 24 -5.01 -7.30 -18.86
C ILE B 24 -4.06 -7.32 -17.65
N ILE B 25 -4.16 -8.35 -16.80
CA ILE B 25 -3.39 -8.39 -15.54
C ILE B 25 -2.01 -9.07 -15.64
N SER B 26 -1.74 -9.74 -16.76
CA SER B 26 -0.44 -10.36 -17.02
C SER B 26 0.63 -9.39 -16.51
N PRO B 27 1.60 -9.90 -15.71
CA PRO B 27 1.95 -11.27 -15.42
C PRO B 27 1.28 -11.93 -14.22
N VAL B 28 0.44 -11.23 -13.46
CA VAL B 28 -0.36 -11.95 -12.45
C VAL B 28 -1.21 -12.96 -13.18
N THR B 29 -1.34 -14.16 -12.64
CA THR B 29 -1.92 -15.23 -13.43
C THR B 29 -3.41 -15.12 -13.47
N SER B 31 -4.99 -17.69 -11.18
CA SER B 31 -4.81 -18.53 -10.01
C SER B 31 -4.40 -17.61 -8.89
N GLU B 32 -3.35 -16.82 -9.14
CA GLU B 32 -2.79 -15.90 -8.16
C GLU B 32 -3.80 -14.83 -7.86
N PHE B 33 -4.43 -14.29 -8.89
CA PHE B 33 -5.47 -13.29 -8.61
C PHE B 33 -6.51 -13.81 -7.63
N LEU B 34 -6.98 -15.02 -7.88
CA LEU B 34 -7.94 -15.66 -6.99
C LEU B 34 -7.40 -16.16 -5.64
N GLU B 35 -6.11 -16.50 -5.54
CA GLU B 35 -5.56 -16.94 -4.28
C GLU B 35 -5.00 -15.71 -3.57
N GLU B 36 -4.14 -14.97 -4.25
CA GLU B 36 -3.41 -13.91 -3.58
C GLU B 36 -4.23 -12.63 -3.35
N TYR B 37 -5.29 -12.35 -4.13
CA TYR B 37 -5.97 -11.01 -4.19
C TYR B 37 -7.48 -10.96 -3.93
N TRP B 38 -8.19 -11.68 -4.77
CA TRP B 38 -9.62 -11.70 -4.68
C TRP B 38 -9.97 -12.51 -3.46
N PRO B 39 -10.95 -12.06 -2.67
CA PRO B 39 -11.79 -10.92 -2.86
C PRO B 39 -11.55 -9.75 -1.89
N VAL B 40 -10.32 -9.62 -1.37
CA VAL B 40 -10.04 -8.64 -0.30
C VAL B 40 -8.88 -7.62 -0.51
N LYS B 41 -7.92 -7.92 -1.37
CA LYS B 41 -6.76 -7.03 -1.52
C LYS B 41 -6.70 -6.48 -2.92
N PRO B 42 -6.56 -5.17 -3.03
CA PRO B 42 -6.56 -4.59 -4.36
C PRO B 42 -5.38 -5.03 -5.19
N LEU B 43 -5.55 -5.00 -6.51
CA LEU B 43 -4.48 -5.26 -7.45
C LEU B 43 -4.44 -4.14 -8.45
N VAL B 44 -3.24 -3.64 -8.73
CA VAL B 44 -3.00 -2.57 -9.69
C VAL B 44 -2.18 -3.15 -10.82
N ALA B 45 -2.61 -2.91 -12.04
CA ALA B 45 -1.99 -3.48 -13.21
C ALA B 45 -1.78 -2.40 -14.25
N ARG B 46 -0.52 -2.05 -14.51
CA ARG B 46 -0.14 -1.03 -15.49
C ARG B 46 0.13 -1.70 -16.82
N GLY B 47 -0.09 -0.97 -17.91
CA GLY B 47 0.22 -1.44 -19.23
C GLY B 47 -0.19 -0.44 -20.30
N GLU B 48 0.00 -0.83 -21.56
CA GLU B 48 -0.55 -0.08 -22.69
C GLU B 48 -2.08 -0.21 -22.77
N VAL B 49 -2.76 0.93 -22.83
CA VAL B 49 -4.20 0.98 -23.07
C VAL B 49 -4.65 0.08 -24.22
N GLU B 50 -3.80 -0.10 -25.23
CA GLU B 50 -4.14 -0.94 -26.38
C GLU B 50 -4.66 -2.29 -25.91
N ARG B 51 -4.01 -2.88 -24.91
CA ARG B 51 -4.25 -4.26 -24.55
C ARG B 51 -5.68 -4.44 -24.01
N PHE B 52 -6.29 -3.34 -23.56
CA PHE B 52 -7.71 -3.33 -23.24
C PHE B 52 -8.64 -3.70 -24.43
N THR B 53 -8.11 -3.74 -25.65
CA THR B 53 -8.92 -4.12 -26.80
C THR B 53 -9.28 -5.60 -26.78
N SER B 54 -8.55 -6.38 -25.99
CA SER B 54 -8.88 -7.78 -25.90
C SER B 54 -10.23 -7.96 -25.27
N ILE B 55 -10.73 -6.96 -24.55
CA ILE B 55 -12.12 -7.01 -24.12
C ILE B 55 -13.00 -6.79 -25.35
N PRO B 56 -14.04 -7.62 -25.53
CA PRO B 56 -14.94 -7.34 -26.64
C PRO B 56 -15.91 -6.20 -26.33
N GLY B 57 -16.10 -5.35 -27.34
CA GLY B 57 -16.87 -4.14 -27.19
C GLY B 57 -16.05 -2.95 -26.75
N PHE B 58 -14.80 -3.16 -26.36
CA PHE B 58 -13.98 -2.06 -25.89
C PHE B 58 -13.94 -0.85 -26.83
N GLU B 59 -13.83 -1.10 -28.13
CA GLU B 59 -13.86 -0.03 -29.11
C GLU B 59 -15.09 0.88 -28.89
N LYS B 60 -16.25 0.29 -28.60
CA LYS B 60 -17.48 1.09 -28.47
C LYS B 60 -17.46 2.01 -27.25
N VAL B 61 -16.38 1.98 -26.46
CA VAL B 61 -16.28 2.74 -25.20
C VAL B 61 -14.96 3.50 -25.01
N ARG B 62 -14.10 3.48 -26.02
CA ARG B 62 -12.77 4.10 -25.96
C ARG B 62 -12.85 5.65 -25.88
N THR B 63 -13.89 6.29 -26.40
CA THR B 63 -14.04 7.75 -26.23
C THR B 63 -15.44 8.17 -25.86
N LEU B 64 -15.55 9.38 -25.32
CA LEU B 64 -16.83 9.93 -24.90
C LEU B 64 -17.86 9.89 -26.01
N GLU B 65 -17.41 10.26 -27.21
CA GLU B 65 -18.25 10.34 -28.40
C GLU B 65 -18.72 8.94 -28.83
N ASN B 66 -17.83 7.97 -28.75
CA ASN B 66 -18.21 6.59 -28.99
C ASN B 66 -19.34 6.12 -28.08
N VAL B 67 -19.19 6.41 -26.79
CA VAL B 67 -20.20 6.03 -25.81
C VAL B 67 -21.54 6.65 -26.17
N LEU B 68 -21.61 7.97 -26.27
CA LEU B 68 -22.88 8.64 -26.62
C LEU B 68 -23.52 8.04 -27.88
N ALA B 69 -22.70 7.68 -28.85
CA ALA B 69 -23.16 7.05 -30.09
C ALA B 69 -24.00 5.80 -29.85
N ILE B 70 -23.78 5.16 -28.71
CA ILE B 70 -24.34 3.86 -28.43
C ILE B 70 -25.40 3.88 -27.31
N TYR B 71 -25.28 4.86 -26.41
CA TYR B 71 -26.04 4.89 -25.15
C TYR B 71 -27.45 5.46 -25.30
N ASN B 72 -28.36 4.62 -25.74
CA ASN B 72 -29.78 4.94 -25.77
C ASN B 72 -30.46 4.88 -24.38
N ASN B 73 -30.14 5.82 -23.52
CA ASN B 73 -30.71 5.85 -22.17
C ASN B 73 -30.41 7.19 -21.52
N PRO B 74 -31.06 7.48 -20.38
CA PRO B 74 -30.77 8.75 -19.73
C PRO B 74 -29.42 8.67 -19.03
N VAL B 75 -28.71 9.79 -19.07
CA VAL B 75 -27.36 9.89 -18.58
C VAL B 75 -27.39 10.65 -17.25
N VAL B 77 -25.96 13.16 -14.61
CA VAL B 77 -25.07 14.31 -14.59
C VAL B 77 -24.95 14.78 -13.16
N VAL B 78 -23.72 15.08 -12.74
CA VAL B 78 -23.40 15.42 -11.37
C VAL B 78 -22.46 16.64 -11.39
N GLY B 79 -22.76 17.69 -10.62
CA GLY B 79 -21.88 18.88 -10.59
C GLY B 79 -22.36 20.09 -9.82
N ASP B 80 -21.44 20.96 -9.43
CA ASP B 80 -21.81 22.25 -8.85
C ASP B 80 -22.64 23.02 -9.87
N ALA B 81 -22.62 22.55 -11.12
CA ALA B 81 -23.38 23.12 -12.22
C ALA B 81 -24.80 22.57 -12.31
N VAL B 82 -25.39 22.25 -11.17
CA VAL B 82 -26.66 21.53 -11.13
C VAL B 82 -27.39 22.02 -9.89
N ILE B 83 -26.67 21.99 -8.78
CA ILE B 83 -26.97 22.84 -7.64
C ILE B 83 -27.25 24.24 -8.20
N GLU B 84 -26.34 24.72 -9.07
CA GLU B 84 -26.43 26.06 -9.70
C GLU B 84 -27.56 26.23 -10.72
N GLU B 85 -27.91 25.16 -11.43
CA GLU B 85 -29.09 25.15 -12.30
C GLU B 85 -30.22 24.32 -11.66
N SER B 86 -30.35 24.44 -10.33
CA SER B 86 -31.52 23.94 -9.59
C SER B 86 -31.72 24.65 -8.26
N GLU B 87 -31.02 25.77 -8.03
CA GLU B 87 -30.94 26.43 -6.70
C GLU B 87 -31.28 25.50 -5.52
N GLY B 88 -30.68 24.30 -5.52
CA GLY B 88 -31.07 23.20 -4.62
C GLY B 88 -31.48 21.96 -5.41
N ARG B 92 -26.93 16.65 -9.05
CA ARG B 92 -27.26 15.32 -9.55
C ARG B 92 -28.65 15.19 -10.19
N PHE B 93 -28.73 14.98 -11.50
CA PHE B 93 -29.95 14.43 -12.14
C PHE B 93 -29.69 13.75 -13.49
N LEU B 94 -30.74 13.21 -14.06
CA LEU B 94 -30.66 12.54 -15.37
C LEU B 94 -31.08 13.47 -16.47
N VAL B 95 -30.83 13.04 -17.69
CA VAL B 95 -30.74 13.95 -18.82
C VAL B 95 -30.61 13.13 -20.09
N SER B 96 -31.07 13.67 -21.21
CA SER B 96 -31.03 12.91 -22.46
C SER B 96 -29.59 12.82 -22.89
N PRO B 97 -29.27 11.80 -23.66
CA PRO B 97 -27.91 11.71 -24.17
C PRO B 97 -27.58 12.89 -25.06
N ALA B 98 -28.61 13.42 -25.74
CA ALA B 98 -28.40 14.50 -26.68
C ALA B 98 -27.86 15.69 -25.93
N GLU B 99 -28.41 15.96 -24.77
CA GLU B 99 -28.07 17.17 -24.01
C GLU B 99 -26.92 16.93 -23.06
N ALA B 100 -26.11 15.90 -23.29
CA ALA B 100 -25.10 15.47 -22.30
C ALA B 100 -23.74 16.13 -22.53
N LEU B 101 -23.28 16.19 -23.79
CA LEU B 101 -22.04 16.90 -24.11
C LEU B 101 -22.15 18.36 -23.68
N GLU B 102 -23.35 18.93 -23.78
CA GLU B 102 -23.56 20.30 -23.33
C GLU B 102 -23.21 20.34 -21.86
N TRP B 103 -23.77 19.41 -21.09
CA TRP B 103 -23.47 19.37 -19.66
C TRP B 103 -22.00 19.15 -19.35
N TYR B 104 -21.38 18.20 -20.05
CA TYR B 104 -19.97 17.90 -19.87
C TYR B 104 -19.11 19.13 -20.11
N GLU B 105 -19.36 19.88 -21.19
CA GLU B 105 -18.52 21.02 -21.52
C GLU B 105 -18.66 22.10 -20.46
N LYS B 106 -19.84 22.25 -19.85
CA LYS B 106 -19.95 22.98 -18.57
C LYS B 106 -19.45 21.95 -17.57
N GLY B 107 -18.70 22.37 -16.54
CA GLY B 107 -18.04 21.39 -15.64
C GLY B 107 -19.03 20.49 -14.94
N ALA B 108 -18.99 19.19 -15.21
CA ALA B 108 -20.01 18.31 -14.68
C ALA B 108 -19.80 16.88 -15.13
N ALA B 109 -19.74 15.98 -14.13
CA ALA B 109 -19.38 14.60 -14.38
C ALA B 109 -20.59 13.80 -14.91
N LEU B 110 -20.29 12.89 -15.84
CA LEU B 110 -21.26 12.05 -16.47
C LEU B 110 -20.99 10.65 -16.02
N GLU B 111 -22.06 9.93 -15.69
CA GLU B 111 -22.01 8.54 -15.37
C GLU B 111 -23.00 7.88 -16.34
N PHE B 112 -22.56 6.87 -17.08
CA PHE B 112 -23.40 6.09 -17.99
C PHE B 112 -23.62 4.69 -17.38
N ASP B 113 -24.68 4.53 -16.61
CA ASP B 113 -24.95 3.28 -15.93
C ASP B 113 -25.49 2.20 -16.88
N PHE B 114 -25.21 0.95 -16.55
CA PHE B 114 -25.61 -0.20 -17.34
C PHE B 114 -25.27 -0.07 -18.80
N THR B 115 -24.07 0.38 -19.06
CA THR B 115 -23.63 0.48 -20.43
C THR B 115 -23.69 -0.88 -21.16
N ASP B 116 -23.43 -1.95 -20.42
CA ASP B 116 -23.45 -3.29 -21.02
C ASP B 116 -24.79 -3.50 -21.73
N LEU B 117 -25.85 -2.79 -21.35
CA LEU B 117 -27.10 -2.96 -22.09
C LEU B 117 -26.94 -2.74 -23.58
N PHE B 118 -26.03 -1.85 -23.96
CA PHE B 118 -25.96 -1.44 -25.35
C PHE B 118 -24.75 -1.99 -26.07
N ILE B 119 -23.95 -2.80 -25.40
CA ILE B 119 -22.88 -3.48 -26.08
C ILE B 119 -22.98 -4.92 -25.69
N PRO B 120 -23.76 -5.72 -26.42
CA PRO B 120 -23.94 -7.11 -26.03
C PRO B 120 -22.64 -7.89 -25.83
N GLN B 121 -21.61 -7.58 -26.60
CA GLN B 121 -20.35 -8.32 -26.48
C GLN B 121 -19.67 -8.17 -25.13
N VAL B 122 -19.76 -7.00 -24.51
CA VAL B 122 -19.16 -6.83 -23.21
C VAL B 122 -20.00 -7.51 -22.17
N ARG B 123 -21.32 -7.57 -22.42
CA ARG B 123 -22.25 -8.31 -21.57
C ARG B 123 -21.81 -9.78 -21.59
N ARG B 124 -21.56 -10.34 -22.80
CA ARG B 124 -21.20 -11.74 -22.90
C ARG B 124 -19.94 -11.90 -22.05
N TRP B 125 -18.94 -11.05 -22.26
CA TRP B 125 -17.70 -11.12 -21.47
C TRP B 125 -17.93 -11.07 -19.94
N ILE B 126 -18.46 -9.97 -19.43
CA ILE B 126 -18.79 -9.87 -18.02
C ILE B 126 -19.42 -11.16 -17.44
N GLU B 127 -20.31 -11.80 -18.20
CA GLU B 127 -20.89 -13.06 -17.75
C GLU B 127 -19.79 -14.15 -17.66
N LYS B 128 -18.87 -14.18 -18.61
CA LYS B 128 -17.78 -15.16 -18.52
C LYS B 128 -16.92 -14.75 -17.32
N LEU B 129 -16.60 -13.50 -17.19
CA LEU B 129 -15.89 -13.09 -15.98
C LEU B 129 -16.56 -13.57 -14.66
N LYS B 130 -17.86 -13.39 -14.59
CA LYS B 130 -18.64 -13.82 -13.45
C LYS B 130 -18.37 -15.27 -13.11
N ALA B 131 -18.46 -16.12 -14.10
CA ALA B 131 -18.19 -17.52 -13.84
C ALA B 131 -16.75 -17.72 -13.40
N GLU B 132 -15.78 -17.14 -14.10
CA GLU B 132 -14.36 -17.25 -13.70
C GLU B 132 -14.15 -16.88 -12.22
N LEU B 133 -14.83 -15.81 -11.74
CA LEU B 133 -14.69 -15.44 -10.34
C LEU B 133 -15.46 -16.38 -9.41
N ARG B 134 -15.94 -17.53 -9.90
CA ARG B 134 -16.71 -18.49 -9.12
C ARG B 134 -17.77 -17.74 -8.30
N LEU B 135 -18.46 -16.81 -8.94
CA LEU B 135 -19.50 -16.05 -8.25
C LEU B 135 -20.87 -16.74 -8.45
N PRO B 136 -21.78 -16.56 -7.49
CA PRO B 136 -23.08 -17.13 -7.61
C PRO B 136 -23.69 -16.60 -8.85
N ALA B 137 -24.48 -17.45 -9.48
CA ALA B 137 -25.01 -17.20 -10.80
C ALA B 137 -25.96 -16.05 -10.81
N GLY B 138 -26.65 -15.81 -9.72
CA GLY B 138 -27.56 -14.67 -9.67
C GLY B 138 -26.97 -13.33 -9.26
N THR B 139 -25.65 -13.24 -9.20
CA THR B 139 -24.98 -12.03 -8.75
C THR B 139 -25.18 -10.94 -9.78
N SER B 140 -25.44 -9.73 -9.31
CA SER B 140 -25.54 -8.58 -10.17
C SER B 140 -24.19 -8.15 -10.79
N SER B 141 -24.27 -7.68 -12.04
CA SER B 141 -23.14 -7.34 -12.83
C SER B 141 -23.54 -6.31 -13.85
N LYS B 142 -22.85 -5.18 -13.88
CA LYS B 142 -23.07 -4.16 -14.88
C LYS B 142 -21.75 -3.47 -15.26
N ALA B 143 -21.73 -2.76 -16.38
CA ALA B 143 -20.66 -1.82 -16.71
C ALA B 143 -21.14 -0.39 -16.52
N ILE B 144 -20.21 0.49 -16.19
CA ILE B 144 -20.50 1.90 -16.09
C ILE B 144 -19.30 2.61 -16.70
N VAL B 145 -19.55 3.69 -17.42
CA VAL B 145 -18.50 4.62 -17.83
C VAL B 145 -18.61 5.95 -17.06
N TYR B 146 -17.48 6.42 -16.53
CA TYR B 146 -17.43 7.75 -15.89
C TYR B 146 -16.69 8.72 -16.80
N ALA B 147 -17.11 9.97 -16.86
CA ALA B 147 -16.44 10.98 -17.70
C ALA B 147 -16.58 12.40 -17.13
N ALA B 148 -15.48 13.13 -17.06
CA ALA B 148 -15.44 14.45 -16.46
C ALA B 148 -14.32 15.25 -17.11
N LYS B 149 -14.58 16.50 -17.51
CA LYS B 149 -13.60 17.30 -18.25
C LYS B 149 -12.57 17.97 -17.37
N ASN B 150 -12.94 18.39 -16.16
CA ASN B 150 -12.01 19.14 -15.30
C ASN B 150 -11.69 18.34 -14.07
N GLY B 151 -11.52 17.03 -14.25
CA GLY B 151 -11.36 16.15 -13.14
C GLY B 151 -12.49 16.38 -12.14
N GLY B 152 -12.19 16.08 -10.89
CA GLY B 152 -13.22 16.01 -9.84
C GLY B 152 -12.77 15.03 -8.75
N GLY B 153 -13.57 13.98 -8.51
CA GLY B 153 -13.23 12.99 -7.49
C GLY B 153 -14.41 12.55 -6.66
N PHE B 154 -14.13 11.99 -5.49
CA PHE B 154 -15.12 11.83 -4.43
C PHE B 154 -14.45 11.63 -3.10
N LYS B 155 -15.18 11.94 -2.03
CA LYS B 155 -14.65 11.83 -0.68
C LYS B 155 -14.59 10.36 -0.20
N ALA B 156 -13.98 10.17 0.97
CA ALA B 156 -13.75 8.84 1.54
C ALA B 156 -15.05 8.11 1.80
N HIS B 157 -15.13 6.86 1.32
CA HIS B 157 -16.28 5.97 1.49
C HIS B 157 -16.00 4.50 1.09
N PHE B 158 -16.82 3.55 1.54
CA PHE B 158 -16.72 2.16 1.09
C PHE B 158 -18.06 1.68 0.59
N ASP B 159 -17.99 0.73 -0.35
CA ASP B 159 -19.13 0.20 -1.04
C ASP B 159 -19.24 -1.26 -0.68
N ALA B 160 -20.32 -1.90 -1.12
CA ALA B 160 -20.55 -3.30 -0.86
C ALA B 160 -20.38 -4.11 -2.14
N TYR B 161 -19.94 -3.41 -3.20
CA TYR B 161 -19.77 -4.05 -4.47
C TYR B 161 -18.27 -4.18 -4.67
N THR B 162 -17.84 -5.00 -5.62
CA THR B 162 -16.45 -5.00 -5.99
C THR B 162 -16.29 -4.46 -7.41
N ASN B 163 -15.13 -3.91 -7.72
CA ASN B 163 -14.97 -3.27 -9.03
C ASN B 163 -13.67 -3.53 -9.71
N LEU B 164 -13.76 -3.68 -11.02
CA LEU B 164 -12.65 -3.43 -11.91
C LEU B 164 -12.81 -2.03 -12.42
N ILE B 165 -11.73 -1.29 -12.41
CA ILE B 165 -11.71 0.01 -13.00
C ILE B 165 -10.64 0.04 -14.07
N PHE B 166 -11.03 0.46 -15.28
CA PHE B 166 -10.14 0.61 -16.43
C PHE B 166 -10.05 2.10 -16.79
N GLN B 167 -8.89 2.74 -16.50
CA GLN B 167 -8.69 4.12 -16.94
C GLN B 167 -8.25 4.06 -18.38
N ILE B 168 -9.07 4.71 -19.20
CA ILE B 168 -8.90 4.76 -20.62
C ILE B 168 -8.21 6.09 -21.01
N GLN B 169 -8.69 7.20 -20.44
CA GLN B 169 -8.18 8.52 -20.67
C GLN B 169 -8.00 9.26 -19.35
N GLY B 170 -7.02 10.16 -19.30
CA GLY B 170 -6.79 11.00 -18.13
C GLY B 170 -6.08 10.29 -17.01
N GLU B 171 -5.92 11.01 -15.90
CA GLU B 171 -5.30 10.48 -14.69
C GLU B 171 -6.20 10.80 -13.53
N LYS B 172 -6.41 9.81 -12.66
CA LYS B 172 -7.17 10.04 -11.44
C LYS B 172 -6.30 9.49 -10.32
N THR B 173 -6.24 10.19 -9.20
CA THR B 173 -5.40 9.77 -8.08
C THR B 173 -6.24 9.18 -6.95
N TRP B 174 -5.92 7.94 -6.61
CA TRP B 174 -6.78 7.14 -5.79
C TRP B 174 -6.13 6.93 -4.46
N LYS B 175 -6.90 7.12 -3.41
CA LYS B 175 -6.49 6.69 -2.09
C LYS B 175 -7.19 5.38 -1.67
N LEU B 176 -6.43 4.45 -1.13
CA LEU B 176 -6.91 3.09 -0.79
C LEU B 176 -6.46 2.75 0.61
N ALA B 177 -7.32 2.16 1.42
CA ALA B 177 -7.05 1.98 2.83
C ALA B 177 -7.78 0.77 3.37
N LYS B 178 -7.05 -0.11 4.05
CA LYS B 178 -7.64 -1.37 4.54
C LYS B 178 -8.71 -0.93 5.50
N ASN B 179 -9.86 -1.59 5.49
CA ASN B 179 -10.98 -1.20 6.34
C ASN B 179 -10.86 -1.98 7.65
N GLU B 180 -10.56 -1.29 8.73
CA GLU B 180 -10.29 -1.97 9.98
C GLU B 180 -11.49 -1.92 10.88
N ASN B 181 -12.56 -1.25 10.42
CA ASN B 181 -13.78 -1.07 11.24
C ASN B 181 -14.81 -2.17 11.00
N VAL B 182 -15.06 -2.53 9.73
CA VAL B 182 -15.95 -3.67 9.38
C VAL B 182 -15.36 -4.61 8.36
N SER B 183 -15.75 -5.86 8.41
CA SER B 183 -15.03 -6.94 7.76
C SER B 183 -15.59 -7.20 6.37
N ASN B 184 -16.90 -7.35 6.25
CA ASN B 184 -17.45 -7.71 4.95
C ASN B 184 -18.70 -6.89 4.72
N PRO B 185 -18.58 -5.59 4.58
CA PRO B 185 -19.80 -4.80 4.79
C PRO B 185 -20.87 -5.11 3.73
N GLN B 187 -23.38 -2.72 3.15
CA GLN B 187 -23.92 -1.43 2.77
C GLN B 187 -22.77 -0.46 2.43
N HIS B 188 -23.04 0.41 1.47
CA HIS B 188 -22.28 1.64 1.22
C HIS B 188 -22.19 2.40 2.53
N TYR B 189 -21.06 3.07 2.77
CA TYR B 189 -21.01 4.07 3.85
C TYR B 189 -20.05 5.21 3.52
N ASP B 190 -20.39 6.43 3.95
CA ASP B 190 -19.60 7.63 3.68
C ASP B 190 -18.97 8.15 4.95
N LEU B 191 -17.69 8.51 4.94
CA LEU B 191 -17.13 9.18 6.11
C LEU B 191 -17.73 10.60 6.27
N TYR B 197 -23.60 5.95 11.77
CA TYR B 197 -23.76 4.59 11.23
C TYR B 197 -25.20 4.03 11.13
N PRO B 198 -25.66 3.65 9.92
CA PRO B 198 -26.93 2.95 9.74
C PRO B 198 -27.22 1.85 10.77
N ASP B 199 -28.51 1.52 10.92
CA ASP B 199 -28.94 0.63 11.98
C ASP B 199 -28.28 -0.74 11.82
N ASP B 200 -28.06 -1.22 10.58
CA ASP B 200 -27.41 -2.55 10.43
C ASP B 200 -25.87 -2.58 10.59
N LEU B 201 -25.16 -1.50 10.22
CA LEU B 201 -23.70 -1.46 10.38
C LEU B 201 -23.27 -1.46 11.85
N GLN B 202 -23.97 -0.71 12.70
CA GLN B 202 -23.59 -0.61 14.12
C GLN B 202 -23.43 -2.01 14.71
N SER B 203 -24.13 -2.98 14.15
CA SER B 203 -24.07 -4.34 14.64
C SER B 203 -22.72 -5.03 14.35
N TYR B 204 -22.03 -4.66 13.25
CA TYR B 204 -20.66 -5.19 13.06
C TYR B 204 -19.51 -4.14 13.01
N TRP B 205 -19.75 -2.89 13.39
CA TRP B 205 -18.69 -1.86 13.37
C TRP B 205 -17.86 -2.03 14.60
N LYS B 206 -16.54 -1.79 14.51
CA LYS B 206 -15.68 -1.87 15.70
C LYS B 206 -14.56 -0.86 15.58
N GLY B 207 -14.24 -0.17 16.67
CA GLY B 207 -13.18 0.86 16.66
C GLY B 207 -13.63 2.20 16.12
N ASP B 208 -12.66 3.12 15.97
CA ASP B 208 -12.92 4.46 15.48
C ASP B 208 -12.50 4.59 14.00
N PRO B 209 -13.20 5.47 13.23
CA PRO B 209 -13.00 5.56 11.81
C PRO B 209 -11.66 6.22 11.48
N PRO B 210 -11.28 6.22 10.19
CA PRO B 210 -10.07 6.87 9.76
C PRO B 210 -10.37 8.35 9.47
N LYS B 211 -9.35 9.22 9.47
CA LYS B 211 -9.55 10.65 9.20
C LYS B 211 -9.93 10.93 7.74
N GLU B 212 -10.74 11.97 7.52
CA GLU B 212 -11.28 12.27 6.18
C GLU B 212 -10.26 12.17 5.04
N ASP B 213 -9.07 12.71 5.24
CA ASP B 213 -8.03 12.77 4.18
C ASP B 213 -7.37 11.42 3.91
N LEU B 214 -7.92 10.36 4.53
CA LEU B 214 -7.38 9.01 4.47
C LEU B 214 -5.88 9.07 4.58
N PRO B 215 -5.38 9.79 5.59
CA PRO B 215 -3.95 9.73 5.73
C PRO B 215 -3.59 8.26 5.98
N ASP B 216 -2.29 7.97 5.98
CA ASP B 216 -1.84 6.59 6.15
C ASP B 216 -2.49 5.60 5.19
N ALA B 217 -2.78 6.02 3.95
CA ALA B 217 -3.45 5.18 2.95
C ALA B 217 -2.57 5.04 1.71
N GLU B 218 -2.58 3.87 1.07
CA GLU B 218 -1.90 3.66 -0.24
C GLU B 218 -2.43 4.60 -1.31
N ILE B 219 -1.51 5.24 -2.03
CA ILE B 219 -1.87 6.25 -3.02
C ILE B 219 -1.44 5.78 -4.40
N VAL B 220 -2.41 5.58 -5.28
CA VAL B 220 -2.15 5.12 -6.65
C VAL B 220 -2.71 6.09 -7.64
N ASN B 221 -1.93 6.41 -8.67
CA ASN B 221 -2.40 7.27 -9.73
C ASN B 221 -2.63 6.42 -10.95
N LEU B 222 -3.88 6.35 -11.39
CA LEU B 222 -4.29 5.46 -12.45
C LEU B 222 -4.12 6.19 -13.72
N THR B 223 -3.34 5.64 -14.63
CA THR B 223 -3.15 6.31 -15.92
C THR B 223 -3.67 5.40 -17.00
N PRO B 224 -3.78 5.92 -18.22
CA PRO B 224 -4.39 5.09 -19.23
C PRO B 224 -3.74 3.75 -19.26
N GLY B 225 -4.57 2.71 -19.35
CA GLY B 225 -4.08 1.36 -19.38
C GLY B 225 -3.90 0.78 -18.00
N THR B 226 -4.13 1.58 -16.96
CA THR B 226 -4.08 1.01 -15.64
C THR B 226 -5.42 0.39 -15.27
N LEU B 228 -7.51 -1.10 -12.04
CA LEU B 228 -7.58 -1.24 -10.60
C LEU B 228 -8.70 -2.20 -10.18
N TYR B 229 -8.32 -3.27 -9.49
CA TYR B 229 -9.30 -4.16 -8.89
C TYR B 229 -9.52 -3.66 -7.50
N LEU B 230 -10.75 -3.27 -7.22
CA LEU B 230 -11.18 -2.62 -5.99
C LEU B 230 -12.04 -3.64 -5.21
N PRO B 231 -11.47 -4.26 -4.17
CA PRO B 231 -12.28 -5.20 -3.41
C PRO B 231 -13.35 -4.52 -2.56
N ARG B 232 -14.40 -5.28 -2.25
CA ARG B 232 -15.45 -4.86 -1.39
C ARG B 232 -14.97 -4.32 -0.05
N GLY B 233 -15.45 -3.15 0.30
CA GLY B 233 -15.23 -2.67 1.65
C GLY B 233 -13.99 -1.86 1.83
N LEU B 234 -13.13 -1.82 0.81
CA LEU B 234 -11.92 -1.01 0.88
C LEU B 234 -12.24 0.47 0.87
N TRP B 235 -11.88 1.20 1.93
CA TRP B 235 -12.03 2.64 1.91
C TRP B 235 -11.33 3.25 0.67
N HIS B 236 -11.93 4.28 0.08
CA HIS B 236 -11.34 4.92 -1.10
C HIS B 236 -11.95 6.29 -1.41
N SER B 237 -11.09 7.14 -1.99
CA SER B 237 -11.43 8.52 -2.37
C SER B 237 -10.59 8.85 -3.57
N THR B 238 -11.00 9.84 -4.37
CA THR B 238 -10.27 10.18 -5.58
C THR B 238 -10.14 11.68 -5.71
N LYS B 239 -9.02 12.13 -6.28
CA LYS B 239 -8.87 13.50 -6.75
C LYS B 239 -8.29 13.47 -8.16
N SER B 240 -8.67 14.46 -8.97
CA SER B 240 -8.29 14.52 -10.39
C SER B 240 -8.47 15.94 -10.88
N ASP B 241 -7.62 16.38 -11.79
CA ASP B 241 -7.86 17.65 -12.48
C ASP B 241 -7.46 17.57 -13.95
N GLN B 242 -7.92 16.54 -14.63
CA GLN B 242 -7.70 16.38 -16.06
C GLN B 242 -8.93 15.67 -16.57
N ALA B 243 -9.22 15.79 -17.84
CA ALA B 243 -10.32 15.06 -18.41
C ALA B 243 -10.10 13.54 -18.28
N THR B 244 -11.00 12.88 -17.57
CA THR B 244 -10.91 11.46 -17.41
C THR B 244 -11.99 10.74 -18.17
N LEU B 245 -11.69 9.49 -18.51
CA LEU B 245 -12.65 8.54 -19.00
C LEU B 245 -12.29 7.15 -18.46
N ALA B 246 -13.24 6.50 -17.78
CA ALA B 246 -13.01 5.17 -17.14
C ALA B 246 -14.19 4.24 -17.32
N LEU B 247 -13.86 2.98 -17.59
CA LEU B 247 -14.83 1.92 -17.68
C LEU B 247 -14.77 1.22 -16.34
N ASN B 248 -15.88 1.28 -15.62
CA ASN B 248 -15.94 0.62 -14.35
C ASN B 248 -16.81 -0.61 -14.45
N ILE B 249 -16.33 -1.70 -13.92
CA ILE B 249 -17.15 -2.90 -13.94
C ILE B 249 -17.45 -3.31 -12.50
N THR B 250 -18.73 -3.53 -12.24
CA THR B 250 -19.20 -3.68 -10.91
C THR B 250 -19.85 -5.01 -10.78
N PHE B 251 -19.40 -5.79 -9.79
CA PHE B 251 -20.14 -6.98 -9.34
C PHE B 251 -20.71 -6.79 -7.93
N GLY B 252 -21.88 -7.38 -7.69
CA GLY B 252 -22.37 -7.58 -6.31
C GLY B 252 -21.58 -8.67 -5.59
N GLN B 253 -21.65 -8.60 -4.27
CA GLN B 253 -20.99 -9.56 -3.39
C GLN B 253 -22.06 -10.24 -2.49
N PRO B 254 -22.79 -11.19 -3.06
CA PRO B 254 -23.81 -11.84 -2.29
C PRO B 254 -23.23 -12.64 -1.13
N ALA B 255 -23.67 -12.38 0.08
CA ALA B 255 -23.21 -13.17 1.21
C ALA B 255 -24.04 -14.43 1.39
N TRP B 256 -23.53 -15.34 2.22
CA TRP B 256 -24.16 -16.63 2.51
C TRP B 256 -25.48 -16.41 3.13
N LEU B 257 -25.53 -15.45 4.01
CA LEU B 257 -26.75 -15.08 4.63
C LEU B 257 -27.86 -14.96 3.58
N ASP B 258 -27.49 -14.37 2.46
CA ASP B 258 -28.39 -14.09 1.37
C ASP B 258 -28.89 -15.36 0.74
N LEU B 259 -28.03 -16.31 0.46
CA LEU B 259 -28.50 -17.50 -0.18
C LEU B 259 -29.31 -18.29 0.81
N LEU B 261 -31.18 -17.37 3.45
CA LEU B 261 -32.52 -16.84 3.61
C LEU B 261 -33.32 -17.15 2.35
N ALA B 262 -32.70 -17.10 1.20
CA ALA B 262 -33.41 -17.45 -0.01
C ALA B 262 -33.88 -18.89 0.06
N ALA B 263 -32.99 -19.75 0.55
CA ALA B 263 -33.25 -21.17 0.57
C ALA B 263 -34.31 -21.47 1.59
N LEU B 264 -34.27 -20.74 2.68
CA LEU B 264 -35.22 -20.94 3.75
C LEU B 264 -36.56 -20.43 3.26
N ARG B 265 -36.53 -19.36 2.51
CA ARG B 265 -37.73 -18.84 1.91
C ARG B 265 -38.33 -19.86 0.92
N LYS B 266 -37.51 -20.47 0.05
CA LYS B 266 -38.02 -21.56 -0.85
C LYS B 266 -38.75 -22.58 0.02
N LYS B 267 -38.17 -22.95 1.16
CA LYS B 267 -38.76 -24.00 1.98
C LYS B 267 -40.11 -23.63 2.56
N LEU B 268 -40.24 -22.47 3.19
CA LEU B 268 -41.46 -22.13 3.90
C LEU B 268 -42.60 -21.53 3.05
N ILE B 269 -42.30 -21.24 1.79
CA ILE B 269 -43.16 -20.45 0.90
C ILE B 269 -44.45 -21.19 0.50
N SER B 270 -44.42 -22.51 0.57
CA SER B 270 -45.58 -23.28 0.15
C SER B 270 -46.60 -23.35 1.26
N ASP B 271 -46.18 -23.17 2.49
CA ASP B 271 -47.10 -23.19 3.62
C ASP B 271 -47.92 -21.87 3.67
N ASN B 272 -49.21 -21.97 3.38
CA ASN B 272 -50.09 -20.82 3.30
C ASN B 272 -50.06 -19.99 4.57
N ARG B 273 -49.82 -20.60 5.73
CA ARG B 273 -49.66 -19.84 6.95
C ARG B 273 -48.60 -18.76 6.75
N PHE B 274 -47.50 -19.14 6.14
CA PHE B 274 -46.43 -18.21 5.96
C PHE B 274 -46.72 -17.18 4.89
N ARG B 275 -47.78 -17.39 4.12
CA ARG B 275 -48.15 -16.43 3.10
C ARG B 275 -49.11 -15.33 3.60
N GLU B 276 -49.81 -15.61 4.66
CA GLU B 276 -50.85 -14.72 5.10
C GLU B 276 -50.36 -13.28 5.43
N LEU B 277 -51.21 -12.30 5.21
CA LEU B 277 -50.86 -10.86 5.38
C LEU B 277 -50.48 -10.53 6.81
N ALA B 278 -49.27 -10.09 7.06
CA ALA B 278 -48.86 -9.73 8.41
C ALA B 278 -49.62 -8.46 8.96
N VAL B 279 -49.43 -8.12 10.21
CA VAL B 279 -50.22 -6.99 10.75
C VAL B 279 -49.52 -6.16 11.80
N ASN B 280 -49.63 -4.84 11.67
CA ASN B 280 -49.17 -3.93 12.72
C ASN B 280 -49.69 -4.30 14.11
N HIS B 281 -48.76 -4.70 15.00
CA HIS B 281 -49.05 -5.08 16.40
C HIS B 281 -49.82 -3.97 17.09
N GLN B 282 -49.22 -2.77 17.03
CA GLN B 282 -49.76 -1.54 17.61
C GLN B 282 -51.27 -1.40 17.38
N SER B 283 -51.70 -1.76 16.16
CA SER B 283 -53.14 -1.74 15.80
C SER B 283 -53.99 -2.62 16.70
N LEU B 284 -53.66 -3.90 16.77
CA LEU B 284 -54.46 -4.87 17.52
C LEU B 284 -54.76 -4.34 18.93
N HIS B 285 -55.84 -4.83 19.52
CA HIS B 285 -56.14 -4.49 20.91
C HIS B 285 -55.24 -5.31 21.81
N GLU B 286 -55.36 -5.10 23.13
CA GLU B 286 -54.66 -5.95 24.09
C GLU B 286 -55.03 -7.42 23.84
N SER B 287 -56.31 -7.75 24.05
CA SER B 287 -56.83 -9.12 24.01
C SER B 287 -56.37 -9.93 22.78
N SER B 288 -56.68 -9.42 21.58
CA SER B 288 -56.39 -10.15 20.34
C SER B 288 -54.90 -10.25 20.04
N LYS B 289 -54.08 -9.36 20.63
CA LYS B 289 -52.64 -9.51 20.47
C LYS B 289 -52.22 -10.87 21.06
N SER B 290 -52.42 -11.06 22.35
CA SER B 290 -52.05 -12.31 23.02
C SER B 290 -52.32 -13.50 22.11
N GLU B 291 -53.55 -13.60 21.62
CA GLU B 291 -53.90 -14.68 20.66
C GLU B 291 -52.91 -14.82 19.46
N LEU B 292 -52.29 -13.71 19.04
CA LEU B 292 -51.35 -13.74 17.90
C LEU B 292 -49.96 -14.27 18.28
N ASN B 293 -49.56 -14.04 19.52
CA ASN B 293 -48.29 -14.58 20.05
C ASN B 293 -48.31 -16.11 20.03
N GLY B 294 -49.45 -16.69 20.31
CA GLY B 294 -49.64 -18.12 20.17
C GLY B 294 -49.44 -18.57 18.74
N TYR B 295 -50.01 -17.84 17.79
CA TYR B 295 -49.90 -18.21 16.36
C TYR B 295 -48.44 -18.05 15.93
N LEU B 296 -47.84 -16.90 16.22
CA LEU B 296 -46.46 -16.67 15.80
C LEU B 296 -45.51 -17.72 16.41
N GLU B 297 -45.54 -17.88 17.74
CA GLU B 297 -44.69 -18.89 18.39
C GLU B 297 -44.69 -20.21 17.59
N SER B 298 -45.86 -20.61 17.11
CA SER B 298 -46.02 -21.87 16.37
C SER B 298 -45.44 -21.82 14.99
N LEU B 299 -45.55 -20.65 14.33
CA LEU B 299 -44.86 -20.44 13.05
C LEU B 299 -43.37 -20.50 13.28
N ILE B 300 -42.94 -19.82 14.35
CA ILE B 300 -41.56 -19.88 14.79
C ILE B 300 -41.07 -21.31 14.93
N GLN B 301 -41.88 -22.21 15.47
CA GLN B 301 -41.43 -23.62 15.60
C GLN B 301 -41.15 -24.21 14.22
N THR B 302 -42.10 -24.01 13.30
CA THR B 302 -41.96 -24.51 11.93
C THR B 302 -40.76 -23.94 11.15
N LEU B 303 -40.50 -22.65 11.35
CA LEU B 303 -39.33 -22.03 10.75
C LEU B 303 -38.03 -22.64 11.31
N SER B 304 -37.98 -22.91 12.62
CA SER B 304 -36.84 -23.58 13.28
C SER B 304 -36.67 -25.04 12.78
N GLU B 305 -37.76 -25.81 12.69
CA GLU B 305 -37.67 -27.17 12.13
C GLU B 305 -37.18 -27.13 10.71
N ASN B 306 -37.59 -26.12 9.95
CA ASN B 306 -37.20 -26.06 8.54
C ASN B 306 -35.76 -25.62 8.37
N ALA B 307 -35.33 -24.67 9.18
CA ALA B 307 -33.94 -24.25 9.22
C ALA B 307 -33.00 -25.42 9.55
N GLU B 308 -33.40 -26.23 10.53
CA GLU B 308 -32.58 -27.34 11.04
C GLU B 308 -32.30 -28.39 9.95
N THR B 309 -33.12 -28.40 8.92
CA THR B 309 -33.07 -29.41 7.90
C THR B 309 -32.55 -28.82 6.58
N LEU B 310 -32.13 -27.56 6.61
CA LEU B 310 -31.44 -26.98 5.51
C LEU B 310 -30.18 -27.76 5.17
N THR B 311 -29.99 -28.14 3.91
CA THR B 311 -28.73 -28.79 3.54
C THR B 311 -27.87 -27.80 2.80
N PRO B 312 -26.56 -28.08 2.70
CA PRO B 312 -25.75 -27.26 1.77
C PRO B 312 -26.23 -27.24 0.29
N GLU B 313 -26.69 -28.37 -0.27
CA GLU B 313 -27.30 -28.32 -1.58
C GLU B 313 -28.38 -27.22 -1.62
N GLN B 314 -29.35 -27.29 -0.73
CA GLN B 314 -30.46 -26.32 -0.74
C GLN B 314 -29.99 -24.86 -0.77
N ILE B 315 -28.97 -24.57 0.03
CA ILE B 315 -28.24 -23.31 -0.07
C ILE B 315 -27.65 -23.08 -1.45
N PHE B 316 -26.79 -23.98 -1.91
CA PHE B 316 -26.21 -23.86 -3.24
C PHE B 316 -27.24 -23.69 -4.37
N GLN B 317 -28.33 -24.46 -4.37
CA GLN B 317 -29.38 -24.36 -5.42
C GLN B 317 -30.12 -22.98 -5.38
N SER B 318 -29.98 -22.22 -4.32
CA SER B 318 -30.58 -20.92 -4.30
C SER B 318 -29.62 -19.86 -4.88
N GLN B 319 -28.53 -20.30 -5.50
CA GLN B 319 -27.55 -19.37 -6.01
C GLN B 319 -27.98 -18.50 -7.16
N ASP B 320 -29.05 -18.84 -7.87
CA ASP B 320 -29.63 -17.94 -8.89
C ASP B 320 -30.75 -16.99 -8.37
N SER B 321 -30.90 -16.74 -7.09
CA SER B 321 -31.98 -15.82 -6.66
C SER B 321 -31.54 -14.35 -6.90
N ASP B 322 -32.44 -13.39 -6.87
CA ASP B 322 -32.00 -11.98 -6.96
C ASP B 322 -31.52 -11.53 -5.60
N PHE B 323 -30.24 -11.24 -5.46
CA PHE B 323 -29.74 -10.78 -4.16
C PHE B 323 -29.59 -9.26 -4.05
N ASP B 324 -30.05 -8.53 -5.05
CA ASP B 324 -29.79 -7.10 -5.17
C ASP B 324 -30.92 -6.55 -6.02
N PRO B 325 -32.12 -6.47 -5.43
CA PRO B 325 -33.29 -5.97 -6.13
C PRO B 325 -33.09 -4.56 -6.58
N TYR B 326 -32.28 -3.84 -5.82
CA TYR B 326 -31.98 -2.43 -6.15
C TYR B 326 -31.24 -2.28 -7.51
N GLN B 327 -30.36 -3.21 -7.87
CA GLN B 327 -29.81 -3.22 -9.23
C GLN B 327 -30.82 -3.79 -10.19
N SER B 328 -31.50 -4.83 -9.78
CA SER B 328 -32.55 -5.43 -10.59
C SER B 328 -33.52 -4.41 -11.15
N THR B 329 -34.17 -3.64 -10.27
CA THR B 329 -35.19 -2.73 -10.72
C THR B 329 -34.60 -1.72 -11.72
N GLN B 330 -33.43 -1.20 -11.38
CA GLN B 330 -32.73 -0.26 -12.22
C GLN B 330 -32.48 -0.84 -13.61
N LEU B 331 -32.06 -2.09 -13.68
CA LEU B 331 -31.84 -2.75 -14.98
C LEU B 331 -33.10 -2.78 -15.84
N VAL B 332 -34.22 -3.35 -15.38
CA VAL B 332 -35.42 -3.37 -16.21
C VAL B 332 -35.90 -1.95 -16.57
N PHE B 333 -35.76 -1.02 -15.63
CA PHE B 333 -36.25 0.34 -15.86
C PHE B 333 -35.52 1.00 -17.02
N ARG B 334 -34.23 0.74 -17.10
CA ARG B 334 -33.41 1.23 -18.19
C ARG B 334 -33.69 0.46 -19.47
N GLN B 335 -33.99 -0.83 -19.35
CA GLN B 335 -34.45 -1.58 -20.52
C GLN B 335 -35.70 -0.92 -21.11
N LEU B 336 -36.62 -0.53 -20.25
CA LEU B 336 -37.90 0.10 -20.67
C LEU B 336 -37.75 1.51 -21.17
N LEU B 337 -36.68 2.17 -20.82
CA LEU B 337 -36.48 3.50 -21.32
C LEU B 337 -35.72 3.48 -22.64
N THR B 338 -35.39 2.29 -23.16
CA THR B 338 -34.39 2.12 -24.23
C THR B 338 -34.92 2.62 -25.54
N VAL C 20 24.05 -21.20 -11.69
CA VAL C 20 24.11 -20.91 -10.21
C VAL C 20 22.70 -20.65 -9.62
N LEU C 21 22.18 -19.43 -9.79
CA LEU C 21 20.80 -19.12 -9.46
C LEU C 21 19.92 -19.36 -10.70
N GLU C 22 20.46 -20.17 -11.61
CA GLU C 22 19.85 -20.49 -12.90
C GLU C 22 18.50 -21.17 -12.72
N SER C 23 18.40 -22.06 -11.74
CA SER C 23 17.11 -22.68 -11.41
C SER C 23 16.16 -21.64 -10.80
N ILE C 24 16.69 -20.79 -9.92
CA ILE C 24 15.87 -19.82 -9.17
C ILE C 24 15.04 -18.92 -10.09
N ILE C 25 15.65 -18.48 -11.19
CA ILE C 25 15.01 -17.56 -12.14
C ILE C 25 14.31 -18.31 -13.28
N SER C 26 14.57 -19.62 -13.34
CA SER C 26 13.69 -20.59 -14.02
C SER C 26 13.58 -20.41 -15.53
N PRO C 27 12.50 -19.80 -16.09
CA PRO C 27 12.58 -19.81 -17.55
C PRO C 27 13.42 -18.63 -18.05
N VAL C 28 13.65 -17.63 -17.21
CA VAL C 28 14.65 -16.63 -17.54
C VAL C 28 15.99 -17.35 -17.44
N THR C 29 16.81 -17.18 -18.46
CA THR C 29 17.96 -18.07 -18.72
C THR C 29 19.17 -17.74 -17.84
N SER C 31 21.83 -15.79 -19.83
CA SER C 31 22.07 -14.90 -20.97
C SER C 31 20.97 -13.83 -20.98
N GLU C 32 19.72 -14.30 -20.92
CA GLU C 32 18.55 -13.40 -20.98
C GLU C 32 18.61 -12.40 -19.83
N PHE C 33 19.09 -12.83 -18.67
CA PHE C 33 19.18 -11.90 -17.52
C PHE C 33 20.28 -10.86 -17.65
N LEU C 34 21.44 -11.32 -18.12
CA LEU C 34 22.62 -10.45 -18.28
C LEU C 34 22.44 -9.47 -19.43
N GLU C 35 21.82 -9.95 -20.52
CA GLU C 35 21.44 -9.11 -21.66
C GLU C 35 20.25 -8.22 -21.30
N GLU C 36 19.10 -8.83 -21.04
CA GLU C 36 17.82 -8.09 -21.00
C GLU C 36 17.47 -7.34 -19.69
N TYR C 37 18.02 -7.74 -18.54
CA TYR C 37 17.63 -7.11 -17.26
C TYR C 37 18.77 -6.39 -16.59
N TRP C 38 19.79 -7.15 -16.23
CA TRP C 38 20.98 -6.64 -15.59
C TRP C 38 21.70 -5.65 -16.49
N PRO C 39 22.18 -4.54 -15.91
CA PRO C 39 22.03 -4.15 -14.54
C PRO C 39 21.02 -3.00 -14.35
N VAL C 40 19.95 -2.92 -15.14
CA VAL C 40 19.09 -1.72 -15.11
C VAL C 40 17.61 -1.93 -14.87
N LYS C 41 17.05 -3.05 -15.32
CA LYS C 41 15.61 -3.26 -15.15
C LYS C 41 15.35 -4.45 -14.26
N PRO C 42 14.30 -4.37 -13.42
CA PRO C 42 14.05 -5.38 -12.40
C PRO C 42 13.47 -6.65 -12.97
N LEU C 43 13.58 -7.72 -12.20
CA LEU C 43 13.00 -9.00 -12.57
C LEU C 43 12.33 -9.68 -11.37
N VAL C 44 11.14 -10.28 -11.61
CA VAL C 44 10.41 -11.01 -10.55
C VAL C 44 10.22 -12.51 -10.85
N ALA C 45 10.98 -13.33 -10.13
CA ALA C 45 10.96 -14.77 -10.29
C ALA C 45 10.08 -15.42 -9.23
N ARG C 46 8.89 -15.84 -9.64
CA ARG C 46 8.01 -16.50 -8.69
C ARG C 46 8.32 -17.98 -8.74
N GLY C 47 7.88 -18.72 -7.73
CA GLY C 47 8.05 -20.17 -7.70
C GLY C 47 8.01 -20.75 -6.30
N GLU C 48 8.29 -22.05 -6.20
CA GLU C 48 8.24 -22.76 -4.91
C GLU C 48 9.45 -22.43 -4.05
N VAL C 49 9.21 -21.93 -2.84
CA VAL C 49 10.28 -21.58 -1.89
C VAL C 49 11.31 -22.67 -1.71
N GLU C 50 10.88 -23.94 -1.61
CA GLU C 50 11.79 -25.08 -1.41
C GLU C 50 12.99 -25.07 -2.38
N ARG C 51 12.79 -24.47 -3.56
CA ARG C 51 13.89 -24.25 -4.50
C ARG C 51 14.96 -23.29 -3.95
N PHE C 52 14.63 -22.58 -2.87
CA PHE C 52 15.65 -21.86 -2.11
C PHE C 52 16.53 -22.82 -1.31
N THR C 53 16.08 -24.07 -1.13
CA THR C 53 16.91 -25.15 -0.53
C THR C 53 18.25 -25.31 -1.26
N SER C 54 18.31 -24.76 -2.47
CA SER C 54 19.52 -24.65 -3.27
C SER C 54 20.60 -23.76 -2.64
N ILE C 55 20.25 -22.50 -2.35
CA ILE C 55 21.20 -21.58 -1.71
C ILE C 55 21.82 -22.25 -0.51
N PRO C 56 23.14 -22.40 -0.50
CA PRO C 56 23.75 -23.11 0.61
C PRO C 56 23.65 -22.30 1.91
N GLY C 57 23.15 -22.95 2.97
CA GLY C 57 22.97 -22.31 4.26
C GLY C 57 21.57 -21.75 4.43
N PHE C 58 20.76 -21.87 3.41
CA PHE C 58 19.43 -21.30 3.45
C PHE C 58 18.67 -21.66 4.73
N GLU C 59 18.65 -22.96 5.05
CA GLU C 59 17.96 -23.50 6.23
C GLU C 59 18.39 -22.81 7.53
N LYS C 60 19.68 -22.47 7.63
CA LYS C 60 20.18 -21.75 8.79
C LYS C 60 19.58 -20.33 8.86
N VAL C 61 18.69 -20.01 7.92
CA VAL C 61 18.05 -18.71 7.82
C VAL C 61 16.57 -18.73 7.45
N ARG C 62 15.97 -19.93 7.38
CA ARG C 62 14.63 -20.10 6.86
C ARG C 62 13.58 -19.57 7.81
N THR C 63 13.99 -19.24 9.02
CA THR C 63 13.10 -18.65 10.02
C THR C 63 13.90 -17.78 10.96
N LEU C 64 13.22 -16.78 11.52
CA LEU C 64 13.76 -15.90 12.52
C LEU C 64 14.48 -16.63 13.63
N GLU C 65 13.81 -17.62 14.22
CA GLU C 65 14.37 -18.38 15.34
C GLU C 65 15.72 -18.94 14.95
N ASN C 66 15.82 -19.48 13.74
CA ASN C 66 17.08 -20.00 13.19
C ASN C 66 18.16 -18.95 13.03
N VAL C 67 17.75 -17.76 12.61
CA VAL C 67 18.69 -16.68 12.41
C VAL C 67 19.28 -16.26 13.75
N LEU C 68 18.42 -16.08 14.74
CA LEU C 68 18.89 -15.69 16.08
C LEU C 68 19.80 -16.76 16.71
N ALA C 69 19.62 -18.01 16.33
CA ALA C 69 20.48 -19.06 16.80
C ALA C 69 21.91 -18.86 16.30
N ILE C 70 22.03 -18.23 15.13
CA ILE C 70 23.25 -18.21 14.34
C ILE C 70 24.04 -16.88 14.47
N TYR C 71 23.31 -15.82 14.83
CA TYR C 71 23.79 -14.45 14.60
C TYR C 71 24.38 -13.89 15.87
N ASN C 72 25.69 -13.98 15.96
CA ASN C 72 26.43 -13.56 17.14
C ASN C 72 26.96 -12.15 16.92
N ASN C 73 26.06 -11.22 16.68
CA ASN C 73 26.47 -9.84 16.45
C ASN C 73 25.32 -8.94 16.83
N PRO C 74 25.58 -7.64 16.98
CA PRO C 74 24.48 -6.71 17.25
C PRO C 74 23.39 -6.67 16.17
N VAL C 75 22.15 -6.48 16.62
CA VAL C 75 21.06 -6.40 15.68
C VAL C 75 20.54 -4.98 15.63
N VAL C 77 17.58 -2.43 15.10
CA VAL C 77 16.13 -2.40 15.36
C VAL C 77 15.48 -1.09 14.87
N VAL C 78 15.38 -0.91 13.55
CA VAL C 78 14.75 0.29 12.92
C VAL C 78 13.66 0.97 13.78
N ARG C 92 16.02 3.83 15.22
CA ARG C 92 17.16 3.06 14.72
C ARG C 92 18.23 2.84 15.80
N PHE C 93 18.58 1.59 16.14
CA PHE C 93 19.68 1.33 17.10
C PHE C 93 20.19 -0.11 17.11
N LEU C 94 21.35 -0.28 17.71
CA LEU C 94 22.08 -1.54 17.66
C LEU C 94 21.99 -2.15 19.04
N VAL C 95 21.50 -3.38 19.12
CA VAL C 95 21.15 -4.00 20.41
C VAL C 95 21.54 -5.48 20.49
N SER C 96 21.71 -5.98 21.72
CA SER C 96 22.08 -7.38 21.99
C SER C 96 21.23 -8.34 21.16
N PRO C 97 21.86 -9.41 20.66
CA PRO C 97 21.12 -10.39 19.89
C PRO C 97 19.93 -10.86 20.72
N ALA C 98 20.22 -11.39 21.92
CA ALA C 98 19.22 -11.72 22.94
C ALA C 98 18.14 -10.65 23.20
N GLU C 99 18.54 -9.39 23.35
CA GLU C 99 17.57 -8.32 23.60
C GLU C 99 16.67 -8.08 22.39
N ALA C 100 17.06 -8.59 21.22
CA ALA C 100 16.39 -8.27 19.96
C ALA C 100 14.98 -8.86 19.78
N LEU C 101 14.73 -10.04 20.34
CA LEU C 101 13.39 -10.67 20.33
C LEU C 101 12.39 -9.78 21.05
N GLU C 102 12.74 -9.40 22.28
CA GLU C 102 11.98 -8.43 23.07
C GLU C 102 11.95 -7.03 22.43
N TRP C 103 12.11 -6.96 21.11
CA TRP C 103 11.91 -5.73 20.31
C TRP C 103 11.00 -6.04 19.12
N TYR C 104 11.23 -7.19 18.49
CA TYR C 104 10.36 -7.64 17.45
C TYR C 104 8.90 -7.52 17.97
N GLU C 105 8.63 -8.16 19.12
CA GLU C 105 7.31 -8.16 19.74
C GLU C 105 7.05 -6.89 20.58
N ALA C 109 11.12 -3.90 13.74
CA ALA C 109 11.78 -4.40 12.55
C ALA C 109 13.27 -4.67 12.81
N LEU C 110 13.81 -5.69 12.14
CA LEU C 110 15.19 -6.05 12.34
C LEU C 110 15.92 -6.26 11.03
N GLU C 111 17.11 -5.68 10.99
CA GLU C 111 18.03 -5.86 9.90
C GLU C 111 19.18 -6.67 10.50
N PHE C 112 19.57 -7.75 9.82
CA PHE C 112 20.66 -8.60 10.27
C PHE C 112 21.79 -8.50 9.28
N ASP C 113 22.60 -7.48 9.41
CA ASP C 113 23.63 -7.20 8.43
C ASP C 113 24.77 -8.20 8.49
N PHE C 114 25.43 -8.41 7.37
CA PHE C 114 26.61 -9.25 7.30
C PHE C 114 26.34 -10.65 7.83
N THR C 115 25.16 -11.17 7.51
CA THR C 115 24.78 -12.48 7.93
C THR C 115 25.73 -13.54 7.38
N ASP C 116 26.24 -13.33 6.16
CA ASP C 116 27.20 -14.27 5.60
C ASP C 116 28.39 -14.55 6.53
N LEU C 117 28.65 -13.68 7.51
CA LEU C 117 29.60 -13.95 8.59
C LEU C 117 29.31 -15.22 9.34
N PHE C 118 28.04 -15.52 9.51
CA PHE C 118 27.63 -16.63 10.36
C PHE C 118 27.07 -17.76 9.53
N ILE C 119 27.29 -17.70 8.21
CA ILE C 119 26.97 -18.81 7.30
C ILE C 119 27.95 -18.77 6.13
N PRO C 120 29.13 -19.34 6.33
CA PRO C 120 30.18 -19.23 5.31
C PRO C 120 29.85 -20.07 4.07
N GLN C 121 28.98 -21.05 4.24
CA GLN C 121 28.38 -21.73 3.12
C GLN C 121 27.78 -20.66 2.16
N VAL C 122 27.17 -19.59 2.68
CA VAL C 122 26.59 -18.57 1.80
C VAL C 122 27.66 -17.62 1.30
N ARG C 123 28.68 -17.37 2.10
CA ARG C 123 29.81 -16.61 1.65
C ARG C 123 30.34 -17.22 0.33
N ARG C 124 30.52 -18.54 0.30
CA ARG C 124 31.09 -19.15 -0.91
C ARG C 124 30.14 -18.87 -2.08
N TRP C 125 28.84 -19.07 -1.87
CA TRP C 125 27.85 -18.86 -2.92
C TRP C 125 27.91 -17.46 -3.54
N ILE C 126 27.94 -16.47 -2.66
CA ILE C 126 27.96 -15.08 -3.10
C ILE C 126 29.14 -14.81 -4.03
N GLU C 127 30.33 -15.23 -3.61
CA GLU C 127 31.54 -14.96 -4.40
C GLU C 127 31.47 -15.61 -5.81
N LYS C 128 30.78 -16.74 -5.95
CA LYS C 128 30.54 -17.33 -7.28
C LYS C 128 29.51 -16.46 -8.04
N LEU C 129 28.57 -15.89 -7.29
CA LEU C 129 27.59 -15.03 -7.91
C LEU C 129 28.26 -13.77 -8.40
N LYS C 130 29.10 -13.19 -7.55
CA LYS C 130 29.91 -12.04 -7.92
C LYS C 130 30.56 -12.30 -9.28
N ALA C 131 31.17 -13.48 -9.43
CA ALA C 131 31.81 -13.83 -10.68
C ALA C 131 30.79 -13.84 -11.79
N GLU C 132 29.78 -14.69 -11.68
CA GLU C 132 28.82 -14.91 -12.78
C GLU C 132 28.33 -13.58 -13.38
N LEU C 133 28.19 -12.56 -12.52
CA LEU C 133 27.78 -11.21 -12.94
C LEU C 133 28.92 -10.40 -13.55
N ARG C 134 30.04 -11.06 -13.83
CA ARG C 134 31.20 -10.37 -14.40
C ARG C 134 31.47 -9.05 -13.64
N LEU C 135 31.39 -9.09 -12.32
CA LEU C 135 31.72 -7.93 -11.51
C LEU C 135 33.19 -7.89 -11.08
N PRO C 136 33.70 -6.67 -10.82
CA PRO C 136 35.07 -6.50 -10.40
C PRO C 136 35.34 -7.31 -9.15
N ALA C 137 36.59 -7.74 -8.96
CA ALA C 137 36.92 -8.59 -7.82
C ALA C 137 36.63 -7.93 -6.47
N GLY C 138 36.95 -6.66 -6.33
CA GLY C 138 36.88 -6.02 -5.03
C GLY C 138 35.55 -5.38 -4.70
N THR C 139 34.48 -5.75 -5.42
CA THR C 139 33.15 -5.23 -5.16
C THR C 139 32.65 -5.71 -3.79
N SER C 140 31.87 -4.87 -3.07
CA SER C 140 31.34 -5.23 -1.78
C SER C 140 30.15 -6.13 -1.99
N SER C 141 30.13 -7.28 -1.30
CA SER C 141 29.02 -8.21 -1.37
C SER C 141 28.72 -8.81 -0.02
N LYS C 142 27.49 -8.66 0.45
CA LYS C 142 27.08 -9.17 1.73
C LYS C 142 25.67 -9.73 1.69
N ALA C 143 25.25 -10.33 2.80
CA ALA C 143 23.87 -10.78 2.95
C ALA C 143 23.19 -10.09 4.14
N ILE C 144 21.89 -9.88 4.00
CA ILE C 144 21.11 -9.27 5.05
C ILE C 144 19.82 -10.03 5.16
N VAL C 145 19.31 -10.10 6.39
CA VAL C 145 18.02 -10.66 6.65
C VAL C 145 17.17 -9.57 7.30
N TYR C 146 15.96 -9.43 6.76
CA TYR C 146 15.01 -8.48 7.24
C TYR C 146 13.79 -9.19 7.77
N ALA C 147 13.27 -8.71 8.89
CA ALA C 147 12.11 -9.30 9.53
C ALA C 147 11.21 -8.25 10.20
N ALA C 148 9.90 -8.33 9.94
CA ALA C 148 8.98 -7.22 10.21
C ALA C 148 7.52 -7.62 10.47
N LYS C 149 7.22 -7.93 11.75
CA LYS C 149 5.92 -8.50 12.20
C LYS C 149 4.82 -7.46 12.34
N ASN C 150 4.82 -6.46 11.46
CA ASN C 150 3.78 -5.44 11.41
C ASN C 150 4.29 -4.30 10.54
N GLY C 152 6.22 -3.67 9.16
CA GLY C 152 6.61 -2.37 8.64
C GLY C 152 7.64 -2.46 7.53
N GLY C 153 7.96 -1.30 6.93
CA GLY C 153 8.76 -1.20 5.69
C GLY C 153 9.69 0.00 5.62
N PHE C 154 9.82 0.59 4.43
CA PHE C 154 10.74 1.74 4.15
C PHE C 154 10.00 2.77 3.31
N LYS C 155 10.15 4.06 3.59
CA LYS C 155 9.58 5.06 2.68
C LYS C 155 10.41 5.08 1.38
N ALA C 156 10.01 5.89 0.40
CA ALA C 156 10.55 5.83 -0.97
C ALA C 156 11.98 6.32 -1.04
N HIS C 157 12.83 5.62 -1.80
CA HIS C 157 14.23 6.01 -1.94
C HIS C 157 14.98 5.12 -2.94
N PHE C 158 16.15 5.57 -3.40
CA PHE C 158 17.03 4.69 -4.16
C PHE C 158 18.45 4.49 -3.57
N ASP C 159 19.14 3.48 -4.08
CA ASP C 159 20.43 3.08 -3.55
C ASP C 159 21.45 3.02 -4.66
N ALA C 160 22.70 3.15 -4.26
CA ALA C 160 23.80 2.95 -5.15
C ALA C 160 24.13 1.44 -5.29
N TYR C 161 23.52 0.60 -4.46
CA TYR C 161 23.75 -0.84 -4.51
C TYR C 161 22.67 -1.45 -5.32
N THR C 162 22.94 -2.67 -5.85
CA THR C 162 21.90 -3.54 -6.41
C THR C 162 21.58 -4.70 -5.46
N ASN C 163 20.39 -5.29 -5.58
CA ASN C 163 20.00 -6.36 -4.67
C ASN C 163 19.28 -7.53 -5.29
N LEU C 164 19.56 -8.70 -4.73
CA LEU C 164 18.68 -9.82 -4.89
C LEU C 164 17.97 -9.97 -3.58
N ILE C 165 16.66 -9.83 -3.61
CA ILE C 165 15.81 -10.12 -2.48
C ILE C 165 15.13 -11.45 -2.70
N PHE C 166 15.07 -12.24 -1.64
CA PHE C 166 14.42 -13.52 -1.62
C PHE C 166 13.39 -13.48 -0.49
N GLN C 167 12.10 -13.65 -0.80
CA GLN C 167 11.08 -13.67 0.27
C GLN C 167 10.97 -15.06 0.86
N ILE C 168 11.15 -15.17 2.16
CA ILE C 168 11.11 -16.48 2.76
C ILE C 168 9.75 -16.72 3.36
N GLN C 169 9.38 -15.89 4.33
CA GLN C 169 8.14 -16.02 5.09
C GLN C 169 7.31 -14.78 4.82
N GLY C 170 6.03 -14.94 4.52
CA GLY C 170 5.10 -13.82 4.46
C GLY C 170 5.11 -13.07 3.14
N GLU C 171 4.26 -12.04 3.05
CA GLU C 171 4.15 -11.19 1.86
C GLU C 171 4.56 -9.74 2.18
N LYS C 172 5.26 -9.10 1.24
CA LYS C 172 5.76 -7.71 1.35
C LYS C 172 5.33 -7.01 0.08
N THR C 173 4.66 -5.87 0.21
CA THR C 173 4.26 -5.07 -0.95
C THR C 173 5.39 -4.16 -1.30
N TRP C 174 5.73 -4.07 -2.58
CA TRP C 174 6.81 -3.20 -3.05
C TRP C 174 6.29 -2.17 -4.03
N LYS C 175 6.74 -0.92 -3.94
CA LYS C 175 6.58 0.00 -5.04
C LYS C 175 7.92 0.12 -5.77
N LEU C 176 7.83 0.19 -7.09
CA LEU C 176 8.97 0.24 -7.99
C LEU C 176 8.68 1.34 -9.00
N ALA C 177 9.71 2.02 -9.46
CA ALA C 177 9.58 3.12 -10.41
C ALA C 177 10.91 3.41 -11.10
N LYS C 178 10.87 3.53 -12.43
CA LYS C 178 12.06 3.87 -13.22
C LYS C 178 12.56 5.21 -12.72
N ASN C 179 13.90 5.36 -12.65
CA ASN C 179 14.51 6.58 -12.17
C ASN C 179 14.75 7.49 -13.35
N GLU C 180 13.87 8.47 -13.51
CA GLU C 180 14.03 9.40 -14.61
C GLU C 180 14.81 10.62 -14.15
N ASN C 181 15.50 10.56 -13.01
CA ASN C 181 16.18 11.75 -12.51
C ASN C 181 17.72 11.64 -12.55
N VAL C 182 18.24 10.41 -12.42
CA VAL C 182 19.66 10.14 -12.58
C VAL C 182 19.94 8.80 -13.29
N SER C 183 20.99 8.79 -14.10
CA SER C 183 21.42 7.61 -14.86
C SER C 183 22.04 6.53 -13.97
N ASN C 184 23.07 6.87 -13.19
CA ASN C 184 23.86 5.84 -12.53
C ASN C 184 24.32 6.38 -11.19
N PRO C 185 23.38 6.48 -10.25
CA PRO C 185 23.70 7.26 -9.08
C PRO C 185 24.84 6.64 -8.29
N GLN C 187 25.43 7.75 -4.85
CA GLN C 187 25.04 7.72 -3.44
C GLN C 187 23.59 7.29 -3.27
N HIS C 188 23.20 7.03 -2.01
CA HIS C 188 21.83 6.74 -1.58
C HIS C 188 21.10 8.06 -1.68
N TYR C 189 19.77 8.04 -1.83
CA TYR C 189 18.92 9.27 -1.66
C TYR C 189 17.46 8.96 -1.29
N ASP C 190 16.94 9.65 -0.25
CA ASP C 190 15.53 9.55 0.22
C ASP C 190 14.69 10.72 -0.34
N LEU C 191 13.36 10.65 -0.31
CA LEU C 191 12.58 11.82 -0.75
C LEU C 191 12.52 13.05 0.23
N SER C 192 13.44 14.00 -0.06
CA SER C 192 13.50 15.40 0.43
C SER C 192 13.11 16.33 -0.71
N TYR C 197 19.04 17.86 -2.51
CA TYR C 197 20.09 17.17 -3.29
C TYR C 197 21.57 17.36 -2.85
N PRO C 198 22.14 16.40 -2.10
CA PRO C 198 23.59 16.41 -1.86
C PRO C 198 24.39 17.00 -3.00
N ASP C 199 25.49 17.67 -2.64
CA ASP C 199 26.25 18.53 -3.55
C ASP C 199 26.64 17.75 -4.81
N ASP C 200 27.09 16.50 -4.62
CA ASP C 200 27.55 15.69 -5.78
C ASP C 200 26.46 15.19 -6.72
N LEU C 201 25.43 14.58 -6.14
CA LEU C 201 24.20 14.20 -6.86
C LEU C 201 23.63 15.32 -7.72
N GLN C 202 23.42 16.47 -7.10
CA GLN C 202 22.95 17.67 -7.76
C GLN C 202 23.68 17.97 -9.06
N SER C 203 24.95 17.59 -9.17
CA SER C 203 25.65 17.79 -10.44
C SER C 203 25.22 16.88 -11.60
N TYR C 204 24.50 15.78 -11.34
CA TYR C 204 23.93 14.99 -12.45
C TYR C 204 22.41 14.78 -12.38
N TRP C 205 21.73 15.57 -11.56
CA TRP C 205 20.28 15.45 -11.41
C TRP C 205 19.64 16.19 -12.55
N LYS C 206 18.58 15.62 -13.13
CA LYS C 206 17.75 16.39 -14.10
C LYS C 206 16.30 16.29 -13.75
N GLY C 207 15.54 17.34 -14.06
CA GLY C 207 14.09 17.31 -13.92
C GLY C 207 13.60 17.38 -12.50
N ASP C 208 12.32 17.07 -12.32
CA ASP C 208 11.65 17.18 -11.03
C ASP C 208 11.51 15.77 -10.46
N PRO C 209 11.31 15.65 -9.15
CA PRO C 209 11.25 14.32 -8.58
C PRO C 209 9.84 13.72 -8.70
N PRO C 210 9.69 12.45 -8.30
CA PRO C 210 8.34 11.90 -8.09
C PRO C 210 7.67 12.43 -6.83
N LYS C 211 6.35 12.36 -6.82
CA LYS C 211 5.54 12.81 -5.69
C LYS C 211 5.72 11.88 -4.50
N GLU C 212 5.33 12.37 -3.31
CA GLU C 212 5.57 11.70 -2.02
C GLU C 212 5.32 10.21 -2.01
N ASP C 213 4.11 9.78 -2.36
CA ASP C 213 3.75 8.38 -2.18
C ASP C 213 4.14 7.44 -3.34
N LEU C 214 4.95 7.91 -4.28
CA LEU C 214 5.26 7.18 -5.53
C LEU C 214 4.01 6.71 -6.23
N PRO C 215 3.11 7.63 -6.52
CA PRO C 215 1.85 7.23 -7.13
C PRO C 215 1.93 6.52 -8.48
N ASP C 216 2.98 6.72 -9.28
CA ASP C 216 3.01 6.10 -10.62
C ASP C 216 3.78 4.77 -10.71
N ALA C 217 4.05 4.18 -9.55
CA ALA C 217 4.83 2.98 -9.44
C ALA C 217 4.13 1.73 -9.97
N GLU C 218 4.93 0.75 -10.38
CA GLU C 218 4.48 -0.62 -10.56
C GLU C 218 4.39 -1.23 -9.16
N ILE C 219 3.25 -1.78 -8.77
CA ILE C 219 3.15 -2.40 -7.45
C ILE C 219 3.33 -3.89 -7.57
N VAL C 220 4.17 -4.45 -6.70
CA VAL C 220 4.55 -5.87 -6.75
C VAL C 220 4.48 -6.50 -5.36
N ASN C 221 3.62 -7.50 -5.22
CA ASN C 221 3.48 -8.21 -3.97
C ASN C 221 4.37 -9.41 -3.97
N LEU C 222 5.24 -9.47 -2.96
CA LEU C 222 6.30 -10.46 -2.90
C LEU C 222 5.90 -11.65 -1.97
N THR C 223 5.52 -12.76 -2.59
CA THR C 223 5.11 -13.93 -1.82
C THR C 223 6.33 -14.83 -1.62
N PRO C 224 6.26 -15.75 -0.64
CA PRO C 224 7.35 -16.73 -0.42
C PRO C 224 7.80 -17.45 -1.70
N GLY C 225 9.10 -17.61 -1.89
CA GLY C 225 9.63 -18.14 -3.13
C GLY C 225 9.81 -17.09 -4.20
N THR C 226 9.12 -15.96 -4.10
CA THR C 226 9.36 -14.88 -5.04
C THR C 226 10.75 -14.32 -4.81
N LEU C 228 13.19 -11.00 -6.08
CA LEU C 228 13.23 -9.75 -6.78
C LEU C 228 14.66 -9.30 -7.00
N TYR C 229 14.96 -8.94 -8.25
CA TYR C 229 16.20 -8.29 -8.56
C TYR C 229 15.91 -6.81 -8.59
N LEU C 230 16.63 -6.05 -7.79
CA LEU C 230 16.47 -4.61 -7.73
C LEU C 230 17.70 -3.93 -8.30
N PRO C 231 17.64 -3.43 -9.53
CA PRO C 231 18.82 -2.74 -10.07
C PRO C 231 19.05 -1.45 -9.32
N ARG C 232 20.27 -0.92 -9.38
CA ARG C 232 20.58 0.30 -8.64
C ARG C 232 19.97 1.53 -9.28
N GLY C 233 19.53 2.45 -8.42
CA GLY C 233 18.91 3.69 -8.84
C GLY C 233 17.41 3.61 -8.90
N LEU C 234 16.86 2.40 -8.87
CA LEU C 234 15.43 2.23 -8.95
C LEU C 234 14.71 2.68 -7.67
N TRP C 235 13.80 3.64 -7.81
CA TRP C 235 13.07 4.11 -6.64
C TRP C 235 12.32 2.92 -6.08
N HIS C 236 12.16 2.86 -4.76
CA HIS C 236 11.45 1.76 -4.15
C HIS C 236 11.04 2.07 -2.74
N SER C 237 9.91 1.49 -2.34
CA SER C 237 9.41 1.52 -0.98
C SER C 237 8.77 0.18 -0.70
N THR C 238 8.57 -0.11 0.60
CA THR C 238 7.93 -1.33 1.06
C THR C 238 6.93 -1.09 2.20
N LYS C 239 5.98 -2.03 2.30
CA LYS C 239 4.86 -2.06 3.28
C LYS C 239 4.60 -3.54 3.55
N SER C 240 4.31 -3.91 4.80
CA SER C 240 4.29 -5.34 5.19
C SER C 240 3.33 -5.69 6.35
N ASP C 241 2.04 -5.78 6.05
CA ASP C 241 1.01 -6.06 7.06
C ASP C 241 1.42 -7.19 7.98
N GLN C 242 1.77 -8.31 7.35
CA GLN C 242 2.04 -9.55 8.04
C GLN C 242 3.52 -9.64 8.46
N ALA C 243 3.84 -10.73 9.14
CA ALA C 243 5.19 -11.03 9.51
C ALA C 243 5.97 -11.41 8.25
N THR C 244 7.04 -10.67 7.97
CA THR C 244 7.89 -10.96 6.82
C THR C 244 9.28 -11.41 7.26
N LEU C 245 9.86 -12.30 6.47
CA LEU C 245 11.28 -12.56 6.53
C LEU C 245 11.82 -12.57 5.11
N ALA C 246 12.93 -11.87 4.88
CA ALA C 246 13.58 -11.90 3.56
C ALA C 246 15.09 -11.94 3.65
N LEU C 247 15.70 -12.56 2.63
CA LEU C 247 17.14 -12.58 2.47
C LEU C 247 17.59 -11.66 1.34
N ASN C 248 18.32 -10.58 1.68
CA ASN C 248 19.02 -9.73 0.68
C ASN C 248 20.43 -10.19 0.39
N ILE C 249 20.81 -10.22 -0.88
CA ILE C 249 22.20 -10.33 -1.26
C ILE C 249 22.52 -9.03 -1.99
N THR C 250 23.50 -8.29 -1.45
CA THR C 250 23.72 -6.88 -1.80
C THR C 250 25.10 -6.68 -2.32
N PHE C 251 25.19 -6.29 -3.60
CA PHE C 251 26.46 -6.02 -4.26
C PHE C 251 26.69 -4.56 -4.47
N GLY C 252 27.96 -4.17 -4.37
CA GLY C 252 28.36 -2.82 -4.75
C GLY C 252 28.16 -2.62 -6.24
N GLN C 253 28.14 -1.37 -6.67
CA GLN C 253 28.17 -1.08 -8.11
C GLN C 253 29.33 -0.12 -8.38
N PRO C 254 30.56 -0.66 -8.47
CA PRO C 254 31.71 0.19 -8.64
C PRO C 254 31.75 0.77 -10.04
N ALA C 255 32.06 2.03 -10.15
CA ALA C 255 32.02 2.67 -11.44
C ALA C 255 33.42 2.75 -12.03
N TRP C 256 33.51 3.03 -13.32
CA TRP C 256 34.85 3.22 -13.93
C TRP C 256 35.62 4.25 -13.15
N LEU C 257 34.94 5.32 -12.76
CA LEU C 257 35.53 6.37 -11.97
C LEU C 257 36.26 5.83 -10.75
N ASP C 258 35.65 4.90 -10.05
CA ASP C 258 36.25 4.34 -8.86
C ASP C 258 37.57 3.64 -9.18
N LEU C 259 37.54 2.69 -10.12
CA LEU C 259 38.73 1.98 -10.57
C LEU C 259 39.83 2.91 -11.07
N LEU C 261 40.40 6.19 -10.31
CA LEU C 261 41.01 6.98 -9.27
C LEU C 261 41.83 6.09 -8.34
N ALA C 262 41.43 4.82 -8.23
CA ALA C 262 42.32 3.84 -7.58
C ALA C 262 43.64 3.74 -8.34
N ALA C 263 43.55 3.67 -9.68
CA ALA C 263 44.75 3.49 -10.53
C ALA C 263 45.61 4.75 -10.52
N LEU C 264 44.96 5.91 -10.51
CA LEU C 264 45.69 7.17 -10.42
C LEU C 264 46.36 7.22 -9.08
N ARG C 265 45.66 6.72 -8.07
CA ARG C 265 46.20 6.81 -6.70
C ARG C 265 47.48 5.97 -6.54
N LYS C 266 47.43 4.70 -6.90
CA LYS C 266 48.66 3.90 -6.92
C LYS C 266 49.77 4.63 -7.71
N LYS C 267 49.46 5.32 -8.80
CA LYS C 267 50.49 6.03 -9.57
C LYS C 267 51.14 7.15 -8.78
N LEU C 268 50.38 7.98 -8.07
CA LEU C 268 50.94 9.16 -7.39
C LEU C 268 51.39 8.96 -5.93
N ILE C 269 50.93 7.90 -5.29
CA ILE C 269 51.19 7.80 -3.86
C ILE C 269 52.68 7.69 -3.53
N SER C 270 53.50 7.24 -4.48
CA SER C 270 54.93 7.08 -4.23
C SER C 270 55.67 8.41 -4.22
N ASP C 271 55.19 9.38 -5.00
CA ASP C 271 55.74 10.73 -4.98
C ASP C 271 55.45 11.43 -3.63
N ASN C 272 56.49 11.74 -2.85
CA ASN C 272 56.32 12.31 -1.51
C ASN C 272 55.62 13.65 -1.49
N ARG C 273 55.77 14.44 -2.55
CA ARG C 273 55.08 15.70 -2.62
C ARG C 273 53.59 15.49 -2.32
N PHE C 274 53.01 14.44 -2.88
CA PHE C 274 51.58 14.20 -2.77
C PHE C 274 51.14 13.65 -1.41
N ARG C 275 52.09 13.11 -0.67
CA ARG C 275 51.83 12.51 0.62
C ARG C 275 51.96 13.57 1.70
N GLU C 276 52.57 14.69 1.40
CA GLU C 276 52.59 15.78 2.40
C GLU C 276 51.20 16.17 2.88
N LEU C 277 51.15 16.47 4.16
CA LEU C 277 49.93 16.85 4.89
C LEU C 277 49.37 18.07 4.23
N ALA C 278 48.07 18.07 3.97
CA ALA C 278 47.40 19.22 3.38
C ALA C 278 47.10 20.23 4.47
N VAL C 279 46.51 21.36 4.11
CA VAL C 279 46.37 22.47 5.07
C VAL C 279 45.26 23.43 4.75
N ASN C 280 44.53 23.84 5.76
CA ASN C 280 43.48 24.82 5.58
C ASN C 280 44.04 26.23 5.35
N HIS C 281 43.91 26.73 4.11
CA HIS C 281 44.45 28.08 3.69
C HIS C 281 43.85 29.25 4.47
N GLN C 282 42.57 29.16 4.78
CA GLN C 282 41.83 30.22 5.45
C GLN C 282 42.54 30.89 6.63
N SER C 283 43.42 30.15 7.30
CA SER C 283 44.20 30.69 8.40
C SER C 283 45.35 31.55 7.90
N LEU C 284 46.07 31.07 6.90
CA LEU C 284 47.37 31.67 6.54
C LEU C 284 47.31 33.13 5.97
N HIS C 285 48.43 33.84 6.10
CA HIS C 285 48.66 35.11 5.39
C HIS C 285 48.52 34.99 3.87
N GLU C 286 48.35 36.13 3.22
CA GLU C 286 48.26 36.15 1.75
C GLU C 286 49.55 35.58 1.19
N SER C 287 50.70 36.09 1.63
CA SER C 287 52.02 35.61 1.17
C SER C 287 52.07 34.09 1.17
N SER C 288 51.74 33.50 2.32
CA SER C 288 51.74 32.06 2.49
C SER C 288 50.59 31.39 1.72
N LYS C 289 49.43 32.03 1.60
CA LYS C 289 48.37 31.44 0.76
C LYS C 289 48.86 31.41 -0.69
N SER C 290 49.62 32.44 -1.08
CA SER C 290 50.12 32.50 -2.46
C SER C 290 51.24 31.45 -2.66
N GLU C 291 52.14 31.30 -1.69
CA GLU C 291 53.14 30.24 -1.79
C GLU C 291 52.46 28.93 -2.02
N LEU C 292 51.37 28.68 -1.34
CA LEU C 292 50.67 27.40 -1.51
C LEU C 292 50.15 27.19 -2.89
N ASN C 293 49.59 28.26 -3.47
CA ASN C 293 49.10 28.20 -4.82
C ASN C 293 50.14 27.64 -5.78
N GLY C 294 51.37 28.13 -5.71
CA GLY C 294 52.42 27.65 -6.59
C GLY C 294 52.82 26.21 -6.32
N TYR C 295 52.95 25.88 -5.02
CA TYR C 295 53.23 24.52 -4.61
C TYR C 295 52.21 23.59 -5.26
N LEU C 296 50.94 23.98 -5.25
CA LEU C 296 49.90 23.15 -5.82
C LEU C 296 49.83 23.13 -7.34
N GLU C 297 50.27 24.23 -7.97
CA GLU C 297 50.42 24.25 -9.42
C GLU C 297 51.42 23.19 -9.79
N SER C 298 52.47 23.06 -8.99
CA SER C 298 53.47 22.06 -9.26
C SER C 298 52.79 20.70 -9.35
N LEU C 299 52.09 20.35 -8.29
CA LEU C 299 51.41 19.06 -8.15
C LEU C 299 50.38 18.83 -9.22
N ILE C 300 49.59 19.86 -9.46
CA ILE C 300 48.56 19.76 -10.46
C ILE C 300 49.17 19.28 -11.76
N GLN C 301 50.14 20.01 -12.30
CA GLN C 301 50.67 19.66 -13.60
C GLN C 301 51.19 18.22 -13.56
N THR C 302 51.95 17.85 -12.54
CA THR C 302 52.37 16.45 -12.37
C THR C 302 51.24 15.40 -12.33
N LEU C 303 50.17 15.70 -11.61
CA LEU C 303 48.95 14.89 -11.68
C LEU C 303 48.52 14.67 -13.14
N SER C 304 48.32 15.79 -13.84
CA SER C 304 47.84 15.84 -15.23
C SER C 304 48.67 14.91 -16.08
N GLU C 305 49.98 15.00 -15.89
CA GLU C 305 50.90 14.20 -16.65
C GLU C 305 50.82 12.72 -16.24
N ASN C 306 50.63 12.44 -14.98
CA ASN C 306 50.45 11.05 -14.59
C ASN C 306 49.15 10.49 -15.13
N ALA C 307 48.10 11.30 -15.14
CA ALA C 307 46.82 10.86 -15.65
C ALA C 307 46.91 10.56 -17.16
N GLU C 308 47.69 11.35 -17.90
CA GLU C 308 47.83 11.13 -19.35
C GLU C 308 48.51 9.78 -19.67
N THR C 309 49.24 9.22 -18.71
CA THR C 309 49.97 7.97 -18.91
C THR C 309 49.15 6.76 -18.49
N LEU C 310 48.14 6.98 -17.70
CA LEU C 310 47.25 5.91 -17.31
C LEU C 310 46.91 5.03 -18.52
N THR C 311 46.83 3.72 -18.34
CA THR C 311 46.42 2.82 -19.44
C THR C 311 45.22 1.97 -19.07
N PRO C 312 44.52 1.43 -20.08
CA PRO C 312 43.44 0.48 -19.75
C PRO C 312 43.87 -0.67 -18.78
N GLU C 313 45.02 -1.31 -19.03
CA GLU C 313 45.47 -2.41 -18.16
C GLU C 313 45.66 -1.93 -16.69
N GLN C 314 46.28 -0.78 -16.51
CA GLN C 314 46.34 -0.20 -15.15
C GLN C 314 44.95 -0.06 -14.48
N ILE C 315 43.95 0.40 -15.24
CA ILE C 315 42.60 0.57 -14.72
C ILE C 315 41.99 -0.76 -14.30
N PHE C 316 42.13 -1.77 -15.17
CA PHE C 316 41.60 -3.10 -14.88
C PHE C 316 42.20 -3.70 -13.62
N GLN C 317 43.53 -3.73 -13.57
CA GLN C 317 44.22 -4.31 -12.41
C GLN C 317 43.90 -3.64 -11.07
N SER C 318 43.34 -2.43 -11.10
CA SER C 318 42.75 -1.83 -9.90
C SER C 318 41.43 -2.44 -9.42
N GLN C 319 40.90 -3.41 -10.15
CA GLN C 319 39.60 -3.96 -9.81
C GLN C 319 39.61 -4.69 -8.46
N ASP C 320 40.78 -4.97 -7.90
CA ASP C 320 40.80 -5.64 -6.61
C ASP C 320 40.91 -4.65 -5.48
N SER C 321 40.74 -3.36 -5.74
CA SER C 321 40.94 -2.36 -4.72
C SER C 321 39.66 -2.32 -3.91
N ASP C 322 39.61 -1.53 -2.84
CA ASP C 322 38.40 -1.38 -2.00
C ASP C 322 37.69 -0.09 -2.36
N PHE C 323 36.52 -0.22 -2.97
CA PHE C 323 35.75 0.94 -3.43
C PHE C 323 34.67 1.41 -2.44
N ASP C 324 34.60 0.79 -1.27
CA ASP C 324 33.50 1.03 -0.34
C ASP C 324 33.99 0.70 1.06
N PRO C 325 34.94 1.50 1.57
CA PRO C 325 35.50 1.35 2.93
C PRO C 325 34.44 1.36 3.99
N TYR C 326 33.30 2.00 3.69
CA TYR C 326 32.18 1.95 4.63
C TYR C 326 31.79 0.50 4.89
N GLN C 327 31.45 -0.20 3.82
CA GLN C 327 31.15 -1.64 3.91
C GLN C 327 32.35 -2.46 4.43
N SER C 328 33.55 -1.98 4.10
CA SER C 328 34.80 -2.64 4.48
C SER C 328 35.03 -2.55 5.99
N THR C 329 34.93 -1.33 6.48
CA THR C 329 35.07 -1.05 7.88
C THR C 329 33.97 -1.72 8.61
N GLN C 330 32.76 -1.69 8.08
CA GLN C 330 31.63 -2.29 8.79
C GLN C 330 31.90 -3.76 9.07
N LEU C 331 32.35 -4.46 8.05
CA LEU C 331 32.64 -5.86 8.14
C LEU C 331 33.63 -6.17 9.25
N VAL C 332 34.70 -5.37 9.28
CA VAL C 332 35.77 -5.56 10.24
C VAL C 332 35.32 -5.26 11.65
N PHE C 333 34.60 -4.18 11.86
CA PHE C 333 34.08 -3.89 13.18
C PHE C 333 33.24 -5.05 13.67
N ARG C 334 32.42 -5.62 12.79
CA ARG C 334 31.50 -6.65 13.20
C ARG C 334 32.21 -7.93 13.56
N GLN C 335 33.34 -8.18 12.92
CA GLN C 335 34.12 -9.34 13.24
C GLN C 335 34.69 -9.15 14.64
N LEU C 336 34.98 -7.90 14.97
CA LEU C 336 35.43 -7.56 16.31
C LEU C 336 34.33 -7.65 17.38
N LEU C 337 33.09 -7.83 16.98
CA LEU C 337 31.99 -8.04 17.90
C LEU C 337 31.47 -9.47 17.78
N THR C 338 32.24 -10.35 17.13
CA THR C 338 31.83 -11.74 16.91
C THR C 338 31.97 -12.44 18.24
N SER D 19 47.05 29.71 22.54
CA SER D 19 45.60 30.02 22.79
C SER D 19 44.91 29.13 23.85
N VAL D 20 45.30 27.85 23.89
CA VAL D 20 44.38 26.78 24.28
C VAL D 20 45.17 25.61 24.88
N LEU D 21 46.16 25.16 24.12
CA LEU D 21 47.18 24.23 24.57
C LEU D 21 48.51 24.98 24.70
N GLU D 22 48.46 26.31 24.63
CA GLU D 22 49.62 27.17 24.83
C GLU D 22 50.00 27.04 26.28
N SER D 23 48.98 26.83 27.09
CA SER D 23 49.13 26.67 28.52
C SER D 23 49.84 25.38 28.83
N ILE D 24 49.64 24.40 27.97
CA ILE D 24 50.14 23.07 28.22
C ILE D 24 51.58 22.89 27.76
N ILE D 25 51.96 23.53 26.68
CA ILE D 25 53.30 23.33 26.12
C ILE D 25 54.27 24.45 26.48
N SER D 26 53.77 25.52 27.12
CA SER D 26 54.68 26.57 27.57
C SER D 26 55.83 25.87 28.26
N PRO D 27 57.07 26.34 28.04
CA PRO D 27 57.48 27.65 27.50
C PRO D 27 57.65 27.69 25.99
N VAL D 28 57.24 26.62 25.34
CA VAL D 28 57.27 26.54 23.89
C VAL D 28 56.11 27.33 23.35
N THR D 29 56.41 28.23 22.42
CA THR D 29 55.39 29.05 21.76
C THR D 29 54.65 28.26 20.72
N SER D 31 53.93 29.54 17.82
CA SER D 31 54.79 29.86 16.69
C SER D 31 55.86 28.75 16.52
N GLU D 32 56.64 28.50 17.58
CA GLU D 32 57.72 27.49 17.57
C GLU D 32 57.20 26.09 17.29
N PHE D 33 56.03 25.75 17.84
CA PHE D 33 55.46 24.39 17.67
C PHE D 33 55.20 24.07 16.21
N LEU D 34 54.50 25.00 15.54
CA LEU D 34 54.24 24.93 14.09
C LEU D 34 55.48 25.17 13.25
N GLU D 35 56.34 26.07 13.71
CA GLU D 35 57.59 26.32 13.00
C GLU D 35 58.46 25.08 13.11
N GLU D 36 58.85 24.69 14.33
CA GLU D 36 59.93 23.72 14.54
C GLU D 36 59.59 22.26 15.01
N TYR D 37 58.34 21.80 15.00
CA TYR D 37 58.02 20.43 15.48
C TYR D 37 56.92 19.74 14.66
N TRP D 38 55.71 20.28 14.79
CA TRP D 38 54.63 19.90 13.93
C TRP D 38 55.04 20.09 12.49
N PRO D 39 54.66 19.15 11.63
CA PRO D 39 53.99 17.89 11.85
C PRO D 39 54.97 16.76 11.89
N VAL D 40 56.20 17.00 12.29
CA VAL D 40 57.21 15.94 12.10
C VAL D 40 58.15 15.62 13.26
N LYS D 41 58.43 16.54 14.18
CA LYS D 41 59.33 16.21 15.30
C LYS D 41 58.56 16.11 16.60
N PRO D 42 58.81 15.07 17.40
CA PRO D 42 58.08 14.85 18.63
C PRO D 42 58.39 15.91 19.64
N LEU D 43 57.41 16.38 20.38
CA LEU D 43 57.65 17.25 21.53
C LEU D 43 57.13 16.61 22.80
N VAL D 44 57.85 16.85 23.88
CA VAL D 44 57.53 16.33 25.18
C VAL D 44 57.51 17.57 26.09
N ALA D 45 56.35 17.87 26.67
CA ALA D 45 56.16 19.06 27.47
C ALA D 45 55.75 18.64 28.87
N ARG D 46 56.51 19.09 29.86
CA ARG D 46 56.41 18.56 31.22
C ARG D 46 55.88 19.60 32.18
N GLY D 47 55.08 19.17 33.15
CA GLY D 47 54.58 20.05 34.22
C GLY D 47 53.69 19.29 35.18
N GLU D 48 52.96 20.04 36.03
CA GLU D 48 52.00 19.45 36.97
C GLU D 48 50.68 19.11 36.27
N VAL D 49 50.02 18.01 36.66
CA VAL D 49 48.71 17.69 36.03
C VAL D 49 47.64 18.75 36.22
N GLU D 50 47.70 19.53 37.30
CA GLU D 50 46.61 20.49 37.56
C GLU D 50 46.33 21.25 36.26
N ARG D 51 47.38 21.55 35.51
CA ARG D 51 47.21 22.34 34.30
C ARG D 51 46.34 21.66 33.25
N PHE D 52 46.41 20.32 33.13
CA PHE D 52 45.54 19.59 32.17
C PHE D 52 44.04 19.74 32.46
N THR D 53 43.70 20.36 33.60
CA THR D 53 42.33 20.65 33.94
C THR D 53 41.63 21.50 32.92
N SER D 54 42.38 22.38 32.28
CA SER D 54 41.75 23.35 31.39
C SER D 54 41.11 22.65 30.18
N ILE D 55 41.70 21.53 29.76
CA ILE D 55 41.05 20.61 28.82
C ILE D 55 39.67 20.26 29.34
N PRO D 56 38.62 20.59 28.59
CA PRO D 56 37.30 20.42 29.14
C PRO D 56 36.94 18.97 29.20
N GLY D 57 36.08 18.60 30.14
CA GLY D 57 35.70 17.21 30.35
C GLY D 57 36.78 16.39 31.05
N PHE D 58 37.92 17.01 31.34
CA PHE D 58 39.01 16.34 32.01
C PHE D 58 38.54 15.75 33.30
N GLU D 59 37.86 16.57 34.10
CA GLU D 59 37.25 16.10 35.33
C GLU D 59 36.74 14.69 35.08
N LYS D 60 35.90 14.54 34.06
CA LYS D 60 35.13 13.32 33.83
C LYS D 60 35.93 12.12 33.33
N VAL D 61 37.26 12.21 33.28
CA VAL D 61 38.10 11.09 32.76
C VAL D 61 39.40 10.90 33.51
N ARG D 62 39.52 11.52 34.66
CA ARG D 62 40.82 11.62 35.27
C ARG D 62 41.13 10.45 36.22
N THR D 63 40.27 9.43 36.23
CA THR D 63 40.59 8.10 36.79
C THR D 63 39.83 7.02 35.99
N LEU D 64 40.19 5.76 36.21
CA LEU D 64 39.55 4.68 35.45
C LEU D 64 38.07 4.64 35.80
N GLU D 65 37.80 4.66 37.10
CA GLU D 65 36.44 4.65 37.59
C GLU D 65 35.61 5.74 36.90
N ASN D 66 36.23 6.88 36.61
CA ASN D 66 35.50 8.02 36.01
C ASN D 66 35.04 7.76 34.61
N VAL D 67 35.97 7.20 33.82
CA VAL D 67 35.73 6.83 32.42
C VAL D 67 34.54 5.91 32.37
N LEU D 68 34.67 4.83 33.13
CA LEU D 68 33.66 3.77 33.16
C LEU D 68 32.30 4.27 33.57
N ALA D 69 32.26 5.23 34.49
CA ALA D 69 31.01 5.86 34.86
C ALA D 69 30.35 6.44 33.61
N ILE D 70 31.11 7.10 32.75
CA ILE D 70 30.49 7.73 31.59
C ILE D 70 30.52 6.87 30.35
N TYR D 71 31.43 5.89 30.27
CA TYR D 71 31.73 5.26 28.97
C TYR D 71 30.70 4.20 28.49
N ASN D 72 29.66 4.66 27.82
CA ASN D 72 28.58 3.78 27.37
C ASN D 72 28.84 3.16 25.97
N ASN D 73 29.85 2.30 25.87
CA ASN D 73 30.19 1.63 24.60
C ASN D 73 31.03 0.38 24.82
N PRO D 74 31.20 -0.43 23.76
CA PRO D 74 32.22 -1.47 23.68
C PRO D 74 33.65 -0.99 23.99
N VAL D 75 34.48 -1.91 24.44
CA VAL D 75 35.82 -1.55 24.84
C VAL D 75 36.85 -2.42 24.15
N VAL D 77 40.41 -4.14 23.54
CA VAL D 77 41.31 -4.80 24.48
C VAL D 77 42.47 -5.40 23.70
N VAL D 78 43.66 -4.97 24.02
CA VAL D 78 44.82 -5.32 23.22
C VAL D 78 45.92 -5.78 24.14
N GLY D 79 46.61 -6.85 23.78
CA GLY D 79 47.71 -7.39 24.61
C GLY D 79 48.14 -8.75 24.13
N ASP D 80 49.08 -9.40 24.84
CA ASP D 80 49.53 -10.75 24.47
C ASP D 80 48.40 -11.76 24.78
N ALA D 81 47.51 -11.35 25.70
CA ALA D 81 46.33 -12.11 26.05
C ALA D 81 45.39 -12.43 24.88
N VAL D 82 45.08 -11.46 24.01
CA VAL D 82 44.20 -11.75 22.85
C VAL D 82 44.78 -12.94 22.06
N ILE D 83 46.05 -12.73 21.60
CA ILE D 83 46.66 -13.74 20.72
C ILE D 83 46.51 -15.17 21.25
N GLU D 84 46.86 -15.37 22.55
CA GLU D 84 46.76 -16.73 23.12
C GLU D 84 45.28 -17.14 23.24
N GLU D 85 44.40 -16.16 23.49
CA GLU D 85 42.96 -16.39 23.41
C GLU D 85 42.37 -16.97 21.94
N SER D 86 43.21 -16.60 20.88
CA SER D 86 42.92 -17.06 19.51
C SER D 86 43.93 -18.22 19.21
N ASP D 91 45.28 -10.19 18.38
CA ASP D 91 45.83 -8.99 19.04
C ASP D 91 44.77 -8.20 19.77
N ARG D 92 43.71 -7.83 19.07
CA ARG D 92 42.63 -7.00 19.64
C ARG D 92 41.27 -7.73 19.68
N PHE D 93 40.45 -7.48 20.70
CA PHE D 93 38.99 -7.52 20.52
C PHE D 93 38.16 -6.58 21.42
N LEU D 94 36.86 -6.58 21.13
CA LEU D 94 35.90 -5.65 21.72
C LEU D 94 35.07 -6.41 22.72
N VAL D 95 34.96 -5.85 23.93
CA VAL D 95 34.23 -6.45 25.04
C VAL D 95 33.49 -5.34 25.77
N SER D 96 32.73 -5.67 26.80
CA SER D 96 31.92 -4.65 27.47
C SER D 96 32.74 -3.94 28.53
N PRO D 97 32.21 -2.84 29.11
CA PRO D 97 32.82 -2.30 30.32
C PRO D 97 33.19 -3.43 31.33
N ALA D 98 32.24 -4.28 31.67
CA ALA D 98 32.51 -5.39 32.58
C ALA D 98 33.72 -6.24 32.15
N GLU D 99 33.58 -7.00 31.05
CA GLU D 99 34.56 -8.05 30.67
C GLU D 99 35.99 -7.55 30.39
N ALA D 100 36.23 -6.25 30.57
CA ALA D 100 37.50 -5.65 30.22
C ALA D 100 38.48 -5.74 31.38
N LEU D 101 38.06 -5.27 32.55
CA LEU D 101 38.92 -5.31 33.73
C LEU D 101 39.68 -6.61 33.84
N GLU D 102 39.07 -7.73 33.45
CA GLU D 102 39.75 -9.03 33.50
C GLU D 102 41.07 -9.00 32.70
N TRP D 103 40.99 -8.44 31.50
CA TRP D 103 42.13 -8.36 30.57
C TRP D 103 43.13 -7.27 30.97
N TYR D 104 42.59 -6.09 31.31
CA TYR D 104 43.36 -5.03 31.98
C TYR D 104 44.28 -5.62 33.06
N GLU D 105 43.74 -6.55 33.83
CA GLU D 105 44.49 -7.26 34.86
C GLU D 105 45.43 -8.34 34.30
N LYS D 106 44.98 -9.05 33.27
CA LYS D 106 45.86 -10.01 32.58
C LYS D 106 47.00 -9.35 31.75
N GLY D 107 47.13 -8.02 31.83
CA GLY D 107 48.26 -7.31 31.22
C GLY D 107 47.91 -6.66 29.89
N ALA D 108 46.71 -6.89 29.38
CA ALA D 108 46.25 -6.25 28.13
C ALA D 108 45.72 -4.85 28.36
N ALA D 109 45.99 -4.00 27.38
CA ALA D 109 45.68 -2.56 27.45
C ALA D 109 44.26 -2.28 26.96
N LEU D 110 43.59 -1.38 27.67
CA LEU D 110 42.24 -0.97 27.32
C LEU D 110 42.34 0.30 26.53
N GLU D 111 41.57 0.34 25.45
CA GLU D 111 41.42 1.50 24.60
C GLU D 111 39.94 1.89 24.57
N PHE D 112 39.64 3.05 25.15
CA PHE D 112 38.32 3.65 25.09
C PHE D 112 38.22 4.58 23.89
N ASP D 113 37.97 4.02 22.71
CA ASP D 113 37.92 4.78 21.46
C ASP D 113 36.70 5.74 21.44
N PHE D 114 36.87 6.92 20.83
CA PHE D 114 35.79 7.90 20.70
C PHE D 114 35.16 8.29 22.05
N THR D 115 36.01 8.39 23.05
CA THR D 115 35.58 8.86 24.33
C THR D 115 34.86 10.18 24.21
N ASP D 116 35.25 11.00 23.25
CA ASP D 116 34.58 12.31 23.08
C ASP D 116 33.06 12.28 22.90
N LEU D 117 32.53 11.18 22.37
CA LEU D 117 31.07 10.93 22.37
C LEU D 117 30.41 11.18 23.72
N PHE D 118 31.10 10.83 24.80
CA PHE D 118 30.52 10.85 26.14
C PHE D 118 30.93 12.08 26.94
N ILE D 119 31.72 12.95 26.32
CA ILE D 119 32.03 14.24 26.90
C ILE D 119 32.05 15.28 25.82
N PRO D 120 30.88 15.63 25.28
CA PRO D 120 30.88 16.53 24.11
C PRO D 120 31.53 17.90 24.40
N GLN D 121 31.76 18.23 25.69
CA GLN D 121 32.63 19.34 26.03
C GLN D 121 33.90 19.29 25.17
N VAL D 122 34.68 18.19 25.18
CA VAL D 122 35.91 18.12 24.31
C VAL D 122 35.74 18.28 22.79
N ARG D 123 34.51 18.24 22.28
CA ARG D 123 34.33 18.39 20.84
C ARG D 123 34.60 19.84 20.49
N ARG D 124 34.10 20.75 21.32
CA ARG D 124 34.35 22.17 21.10
C ARG D 124 35.87 22.32 21.04
N TRP D 125 36.57 21.71 21.99
CA TRP D 125 38.01 21.91 22.12
C TRP D 125 38.74 21.33 20.92
N ILE D 126 38.50 20.04 20.64
CA ILE D 126 39.15 19.42 19.51
C ILE D 126 38.95 20.27 18.26
N GLU D 127 37.71 20.68 18.01
CA GLU D 127 37.41 21.42 16.77
C GLU D 127 38.21 22.72 16.66
N LYS D 128 38.36 23.45 17.76
CA LYS D 128 39.22 24.64 17.79
C LYS D 128 40.70 24.19 17.69
N LEU D 129 41.08 23.17 18.41
CA LEU D 129 42.44 22.70 18.25
C LEU D 129 42.84 22.44 16.75
N LYS D 130 41.99 21.75 16.00
CA LYS D 130 42.29 21.54 14.58
C LYS D 130 42.18 22.80 13.70
N ALA D 131 41.49 23.81 14.17
CA ALA D 131 41.53 25.08 13.49
C ALA D 131 42.93 25.69 13.70
N GLU D 132 43.42 25.67 14.94
CA GLU D 132 44.70 26.29 15.27
C GLU D 132 45.80 25.59 14.49
N LEU D 133 45.76 24.26 14.44
CA LEU D 133 46.72 23.48 13.69
C LEU D 133 46.53 23.61 12.20
N ARG D 134 45.47 24.29 11.78
CA ARG D 134 45.32 24.63 10.38
C ARG D 134 45.10 23.38 9.53
N LEU D 135 44.60 22.32 10.15
CA LEU D 135 44.20 21.13 9.42
C LEU D 135 42.94 21.32 8.55
N PRO D 136 42.88 20.62 7.41
CA PRO D 136 41.70 20.59 6.59
C PRO D 136 40.43 20.42 7.39
N ALA D 137 39.33 20.94 6.86
CA ALA D 137 38.06 20.96 7.61
C ALA D 137 37.66 19.55 7.95
N GLY D 138 37.56 18.69 6.94
CA GLY D 138 37.06 17.35 7.17
C GLY D 138 38.09 16.41 7.80
N THR D 139 39.07 16.95 8.53
CA THR D 139 40.08 16.08 9.15
C THR D 139 39.44 15.31 10.32
N SER D 140 39.69 14.00 10.36
CA SER D 140 39.15 13.17 11.45
C SER D 140 39.82 13.53 12.71
N SER D 141 39.06 13.38 13.77
CA SER D 141 39.48 13.84 15.07
C SER D 141 38.58 13.19 16.15
N LYS D 142 39.16 12.97 17.33
CA LYS D 142 38.53 12.25 18.47
C LYS D 142 39.36 12.28 19.76
N ALA D 143 38.81 11.69 20.82
CA ALA D 143 39.59 11.35 22.01
C ALA D 143 39.63 9.85 22.23
N ILE D 144 40.75 9.36 22.75
CA ILE D 144 40.87 7.97 23.15
C ILE D 144 41.45 7.95 24.53
N VAL D 145 40.90 7.15 25.43
CA VAL D 145 41.54 6.96 26.72
C VAL D 145 42.28 5.62 26.75
N TYR D 146 43.49 5.61 27.33
CA TYR D 146 44.23 4.36 27.45
C TYR D 146 44.47 4.05 28.91
N ALA D 147 44.30 2.79 29.27
CA ALA D 147 44.66 2.33 30.62
C ALA D 147 45.31 0.98 30.50
N ALA D 148 46.50 0.84 31.08
CA ALA D 148 47.24 -0.42 31.02
C ALA D 148 47.87 -0.71 32.37
N LYS D 149 47.94 -2.00 32.72
CA LYS D 149 48.34 -2.37 34.09
C LYS D 149 49.66 -3.11 34.23
N ASN D 150 49.84 -4.30 33.66
CA ASN D 150 50.89 -5.16 34.22
C ASN D 150 51.65 -6.01 33.22
N GLY D 151 52.69 -5.50 32.56
CA GLY D 151 52.91 -4.08 32.34
C GLY D 151 52.78 -3.94 30.83
N GLY D 152 51.54 -3.92 30.36
CA GLY D 152 51.29 -4.05 28.94
C GLY D 152 51.38 -2.76 28.17
N GLY D 153 51.18 -2.87 26.86
CA GLY D 153 51.21 -1.71 25.98
C GLY D 153 51.08 -2.12 24.52
N PHE D 154 51.72 -1.36 23.63
CA PHE D 154 51.76 -1.70 22.19
C PHE D 154 53.16 -2.00 21.75
N LYS D 155 53.33 -2.96 20.87
CA LYS D 155 54.65 -3.21 20.35
C LYS D 155 54.95 -2.17 19.25
N ALA D 156 56.19 -2.18 18.79
CA ALA D 156 56.68 -1.16 17.84
C ALA D 156 55.88 -1.05 16.55
N HIS D 157 55.41 0.17 16.30
CA HIS D 157 54.78 0.53 15.07
C HIS D 157 54.75 2.06 14.86
N PHE D 158 54.43 2.43 13.62
CA PHE D 158 54.03 3.79 13.33
C PHE D 158 52.58 3.88 12.83
N ASP D 159 51.97 5.03 13.08
CA ASP D 159 50.61 5.31 12.64
C ASP D 159 50.65 6.30 11.53
N ALA D 160 49.51 6.49 10.87
CA ALA D 160 49.33 7.56 9.91
C ALA D 160 48.44 8.61 10.51
N TYR D 161 48.16 8.52 11.80
CA TYR D 161 47.51 9.63 12.52
C TYR D 161 48.56 10.33 13.32
N THR D 162 48.27 11.53 13.76
CA THR D 162 49.14 12.22 14.71
C THR D 162 48.41 12.22 16.04
N ASN D 163 49.15 12.25 17.15
CA ASN D 163 48.53 12.21 18.50
C ASN D 163 49.15 13.21 19.48
N LEU D 164 48.31 14.04 20.13
CA LEU D 164 48.67 14.72 21.40
C LEU D 164 48.30 13.82 22.55
N ILE D 165 49.23 13.56 23.45
CA ILE D 165 49.01 12.57 24.48
C ILE D 165 49.20 13.13 25.87
N PHE D 166 48.26 12.84 26.77
CA PHE D 166 48.31 13.42 28.11
C PHE D 166 48.26 12.34 29.20
N GLN D 167 49.31 12.26 30.03
CA GLN D 167 49.34 11.25 31.09
C GLN D 167 48.63 11.84 32.26
N ILE D 168 47.56 11.15 32.64
CA ILE D 168 46.72 11.57 33.74
C ILE D 168 47.37 10.95 34.96
N GLN D 169 47.67 9.65 34.85
CA GLN D 169 47.97 8.80 35.98
C GLN D 169 49.04 7.78 35.58
N GLY D 170 50.10 7.66 36.39
CA GLY D 170 51.12 6.60 36.21
C GLY D 170 52.30 7.01 35.32
N GLU D 171 53.26 6.12 35.16
CA GLU D 171 54.39 6.36 34.28
C GLU D 171 54.31 5.33 33.17
N LYS D 172 54.20 5.81 31.94
CA LYS D 172 54.21 4.96 30.75
C LYS D 172 55.59 5.13 30.08
N THR D 173 56.30 4.02 29.89
CA THR D 173 57.60 4.09 29.22
C THR D 173 57.38 4.01 27.70
N TRP D 174 57.70 5.08 27.00
CA TRP D 174 57.67 5.09 25.55
C TRP D 174 59.05 4.87 25.01
N LYS D 175 59.12 4.23 23.85
CA LYS D 175 60.29 4.26 23.02
C LYS D 175 59.88 5.07 21.81
N LEU D 176 60.71 6.01 21.38
CA LEU D 176 60.51 6.77 20.14
C LEU D 176 61.69 6.54 19.17
N ALA D 177 61.43 6.59 17.86
CA ALA D 177 62.50 6.53 16.83
C ALA D 177 62.13 7.24 15.55
N LYS D 178 63.04 8.05 15.03
CA LYS D 178 62.88 8.68 13.72
C LYS D 178 62.68 7.58 12.67
N ASN D 179 61.73 7.79 11.77
CA ASN D 179 61.41 6.84 10.76
C ASN D 179 62.33 7.06 9.59
N GLU D 180 63.33 6.20 9.44
CA GLU D 180 64.27 6.33 8.34
C GLU D 180 63.75 5.58 7.10
N ASN D 181 62.60 4.94 7.18
CA ASN D 181 62.08 4.14 6.06
C ASN D 181 61.05 4.85 5.17
N VAL D 182 60.17 5.65 5.77
CA VAL D 182 59.13 6.33 5.00
C VAL D 182 58.85 7.75 5.49
N SER D 183 58.63 8.68 4.58
CA SER D 183 58.58 10.11 4.93
C SER D 183 57.19 10.52 5.44
N ASN D 184 56.15 10.16 4.72
CA ASN D 184 54.83 10.65 5.04
C ASN D 184 53.84 9.53 4.81
N PRO D 185 53.84 8.56 5.70
CA PRO D 185 53.12 7.35 5.50
C PRO D 185 51.64 7.55 5.55
N GLN D 187 49.59 4.90 5.93
CA GLN D 187 48.91 3.81 6.60
C GLN D 187 49.68 3.34 7.84
N HIS D 188 48.94 2.70 8.75
CA HIS D 188 49.50 2.06 9.90
C HIS D 188 50.51 0.97 9.46
N TYR D 189 51.60 0.80 10.20
CA TYR D 189 52.48 -0.40 10.10
C TYR D 189 52.90 -0.85 11.48
N ASP D 190 52.96 -2.16 11.71
CA ASP D 190 53.57 -2.74 12.93
C ASP D 190 54.74 -3.69 12.55
N LEU D 191 55.84 -3.62 13.34
CA LEU D 191 57.01 -4.48 13.15
C LEU D 191 56.72 -5.97 13.38
N SER D 192 55.67 -6.29 14.16
CA SER D 192 55.23 -7.68 14.23
C SER D 192 55.19 -8.21 12.79
N GLU D 193 54.39 -7.58 11.92
CA GLU D 193 54.43 -7.83 10.47
C GLU D 193 55.87 -7.67 9.97
N ALA D 194 56.34 -8.68 9.24
CA ALA D 194 57.79 -8.95 9.14
C ALA D 194 58.11 -9.40 7.73
N PRO D 195 58.66 -8.47 6.94
CA PRO D 195 58.41 -8.04 5.59
C PRO D 195 57.04 -8.37 5.00
N TYR D 196 56.00 -8.07 5.77
CA TYR D 196 54.70 -7.81 5.17
C TYR D 196 54.66 -6.30 5.02
N TYR D 197 54.50 -5.82 3.78
CA TYR D 197 54.19 -4.40 3.47
C TYR D 197 52.97 -4.33 2.54
N PRO D 198 51.90 -3.71 3.00
CA PRO D 198 50.83 -3.25 2.07
C PRO D 198 51.31 -2.83 0.64
N ASP D 199 50.42 -2.93 -0.36
CA ASP D 199 50.81 -2.67 -1.77
C ASP D 199 51.36 -1.23 -1.93
N ASP D 200 50.74 -0.27 -1.26
CA ASP D 200 51.19 1.10 -1.40
C ASP D 200 52.44 1.42 -0.60
N LEU D 201 52.60 0.76 0.56
CA LEU D 201 53.81 0.99 1.37
C LEU D 201 55.12 0.63 0.65
N GLN D 202 55.16 -0.55 0.03
CA GLN D 202 56.33 -0.97 -0.72
C GLN D 202 56.80 0.18 -1.64
N SER D 203 55.85 0.87 -2.29
CA SER D 203 56.20 1.84 -3.32
C SER D 203 56.97 3.10 -2.86
N TYR D 204 56.99 3.39 -1.56
CA TYR D 204 57.84 4.47 -1.08
C TYR D 204 58.66 4.11 0.14
N TRP D 205 58.78 2.84 0.45
CA TRP D 205 59.53 2.39 1.61
C TRP D 205 60.99 2.29 1.21
N LYS D 206 61.89 2.95 1.94
CA LYS D 206 63.32 2.73 1.69
C LYS D 206 63.98 1.98 2.87
N GLY D 207 64.86 1.04 2.52
CA GLY D 207 65.82 0.46 3.45
C GLY D 207 65.32 -0.62 4.38
N ASP D 208 66.20 -1.06 5.27
CA ASP D 208 65.87 -2.10 6.24
C ASP D 208 65.13 -1.52 7.49
N PRO D 209 64.08 -2.21 7.97
CA PRO D 209 63.28 -1.74 9.09
C PRO D 209 64.04 -1.91 10.35
N PRO D 210 63.58 -1.31 11.45
CA PRO D 210 64.30 -1.57 12.70
C PRO D 210 64.19 -3.00 13.26
N LYS D 211 65.16 -3.36 14.10
CA LYS D 211 64.99 -4.43 15.09
C LYS D 211 63.72 -4.19 15.93
N GLU D 212 63.09 -5.29 16.31
CA GLU D 212 61.87 -5.27 17.11
C GLU D 212 62.01 -4.44 18.36
N ASP D 213 63.14 -4.51 19.05
CA ASP D 213 63.28 -3.88 20.38
C ASP D 213 63.34 -2.33 20.37
N LEU D 214 63.18 -1.74 19.17
CA LEU D 214 63.66 -0.37 18.90
C LEU D 214 64.93 -0.09 19.71
N PRO D 215 65.98 -0.84 19.42
CA PRO D 215 67.09 -0.85 20.34
C PRO D 215 67.86 0.45 20.31
N ASP D 216 67.83 1.14 19.19
CA ASP D 216 68.52 2.42 19.10
C ASP D 216 67.51 3.55 19.28
N ALA D 217 66.54 3.40 20.17
CA ALA D 217 65.46 4.41 20.25
C ALA D 217 65.48 5.29 21.51
N GLU D 218 64.99 6.51 21.41
CA GLU D 218 64.94 7.36 22.61
C GLU D 218 63.87 6.85 23.57
N ILE D 219 64.21 6.81 24.85
CA ILE D 219 63.32 6.30 25.85
C ILE D 219 62.82 7.47 26.68
N VAL D 220 61.51 7.61 26.69
CA VAL D 220 60.86 8.66 27.42
C VAL D 220 59.93 8.00 28.37
N ASN D 221 60.11 8.33 29.64
CA ASN D 221 59.20 7.96 30.70
C ASN D 221 58.20 9.08 30.88
N LEU D 222 56.96 8.83 30.50
CA LEU D 222 55.93 9.86 30.55
C LEU D 222 55.18 9.86 31.89
N THR D 223 55.42 10.86 32.71
CA THR D 223 54.78 10.90 34.05
C THR D 223 53.55 11.79 34.00
N PRO D 224 52.72 11.74 35.05
CA PRO D 224 51.57 12.64 35.12
C PRO D 224 51.92 14.09 34.81
N GLY D 225 51.09 14.74 33.99
CA GLY D 225 51.30 16.14 33.63
C GLY D 225 52.23 16.26 32.43
N THR D 226 52.74 15.14 31.95
CA THR D 226 53.55 15.20 30.78
C THR D 226 52.62 15.12 29.54
N LEU D 228 52.92 14.51 25.22
CA LEU D 228 53.74 14.03 24.12
C LEU D 228 53.02 14.36 22.83
N TYR D 229 53.60 15.22 22.01
CA TYR D 229 53.16 15.33 20.64
C TYR D 229 53.84 14.19 19.83
N LEU D 230 53.04 13.21 19.35
CA LEU D 230 53.53 12.01 18.58
C LEU D 230 53.22 12.18 17.09
N PRO D 231 54.20 12.61 16.28
CA PRO D 231 53.88 12.90 14.89
C PRO D 231 53.68 11.66 14.03
N ARG D 232 52.87 11.82 13.00
CA ARG D 232 52.69 10.78 11.98
C ARG D 232 54.02 10.15 11.65
N GLY D 233 54.06 8.86 11.47
CA GLY D 233 55.24 8.21 10.95
C GLY D 233 56.25 7.80 11.98
N LEU D 234 56.19 8.36 13.18
CA LEU D 234 57.22 8.07 14.17
C LEU D 234 57.04 6.68 14.79
N TRP D 235 58.11 5.90 14.81
CA TRP D 235 58.04 4.58 15.47
C TRP D 235 57.87 4.82 16.94
N HIS D 236 56.93 4.11 17.55
CA HIS D 236 56.81 4.14 18.98
C HIS D 236 56.34 2.81 19.51
N SER D 237 56.63 2.55 20.78
CA SER D 237 55.99 1.45 21.52
C SER D 237 55.80 1.90 22.96
N THR D 238 54.99 1.16 23.73
CA THR D 238 54.62 1.52 25.12
C THR D 238 54.67 0.36 26.13
N LYS D 239 55.19 0.62 27.33
CA LYS D 239 55.13 -0.35 28.44
C LYS D 239 54.60 0.36 29.66
N SER D 240 53.71 -0.28 30.41
CA SER D 240 53.11 0.31 31.61
C SER D 240 53.17 -0.67 32.81
N ASP D 241 54.25 -0.59 33.60
CA ASP D 241 54.55 -1.56 34.67
C ASP D 241 53.56 -1.53 35.81
N GLN D 242 53.29 -0.33 36.28
CA GLN D 242 52.21 -0.06 37.21
C GLN D 242 51.08 0.54 36.40
N ALA D 243 49.99 0.89 37.08
CA ALA D 243 48.79 1.42 36.43
C ALA D 243 49.12 2.70 35.70
N THR D 244 48.66 2.82 34.46
CA THR D 244 48.78 4.05 33.72
C THR D 244 47.42 4.43 33.18
N LEU D 245 47.13 5.73 33.16
CA LEU D 245 45.98 6.27 32.48
C LEU D 245 46.42 7.45 31.59
N ALA D 246 45.89 7.50 30.36
CA ALA D 246 46.20 8.59 29.43
C ALA D 246 45.07 8.92 28.50
N LEU D 247 44.89 10.23 28.33
CA LEU D 247 44.06 10.81 27.28
C LEU D 247 44.84 11.05 25.99
N ASN D 248 44.32 10.60 24.85
CA ASN D 248 44.88 10.90 23.52
C ASN D 248 43.88 11.72 22.75
N ILE D 249 44.39 12.67 21.95
CA ILE D 249 43.61 13.36 20.95
C ILE D 249 44.31 13.01 19.70
N THR D 250 43.56 12.37 18.81
CA THR D 250 44.04 11.82 17.55
C THR D 250 43.43 12.64 16.43
N PHE D 251 44.31 13.22 15.60
CA PHE D 251 43.93 13.89 14.35
C PHE D 251 44.44 13.06 13.17
N GLY D 252 43.71 13.08 12.07
CA GLY D 252 44.16 12.45 10.83
C GLY D 252 45.09 13.42 10.16
N GLN D 253 45.74 12.91 9.12
CA GLN D 253 46.71 13.70 8.37
C GLN D 253 46.41 13.49 6.88
N PRO D 254 45.31 14.08 6.41
CA PRO D 254 45.01 14.05 5.00
C PRO D 254 46.14 14.68 4.16
N ALA D 255 46.51 13.97 3.11
CA ALA D 255 47.55 14.40 2.20
C ALA D 255 46.99 15.21 1.05
N TRP D 256 47.82 16.04 0.45
CA TRP D 256 47.37 16.75 -0.76
C TRP D 256 46.72 15.79 -1.72
N LEU D 257 47.23 14.57 -1.81
CA LEU D 257 46.63 13.60 -2.71
C LEU D 257 45.17 13.40 -2.42
N ASP D 258 44.85 13.22 -1.15
CA ASP D 258 43.48 12.99 -0.75
C ASP D 258 42.58 14.17 -1.19
N LEU D 259 43.00 15.41 -1.01
CA LEU D 259 42.15 16.49 -1.51
C LEU D 259 42.01 16.47 -3.04
N LEU D 261 42.31 14.18 -5.38
CA LEU D 261 41.42 13.17 -5.91
C LEU D 261 39.96 13.44 -5.59
N ALA D 262 39.68 13.97 -4.41
CA ALA D 262 38.31 14.35 -4.12
C ALA D 262 37.83 15.41 -5.16
N ALA D 263 38.67 16.39 -5.47
CA ALA D 263 38.33 17.50 -6.33
C ALA D 263 38.08 17.07 -7.72
N LEU D 264 38.96 16.19 -8.16
CA LEU D 264 38.93 15.60 -9.49
C LEU D 264 37.65 14.81 -9.58
N ARG D 265 37.38 14.02 -8.55
CA ARG D 265 36.18 13.19 -8.50
C ARG D 265 34.94 14.03 -8.70
N LYS D 266 34.83 15.18 -8.01
CA LYS D 266 33.70 16.08 -8.26
C LYS D 266 33.56 16.43 -9.74
N LYS D 267 34.66 16.81 -10.37
CA LYS D 267 34.62 17.27 -11.73
C LYS D 267 34.06 16.14 -12.59
N LEU D 268 34.63 14.96 -12.42
CA LEU D 268 34.35 13.87 -13.34
C LEU D 268 33.00 13.22 -13.19
N ILE D 269 32.44 13.34 -11.99
CA ILE D 269 31.34 12.49 -11.58
C ILE D 269 30.07 12.83 -12.31
N SER D 270 29.99 14.04 -12.86
CA SER D 270 28.79 14.43 -13.60
C SER D 270 28.78 13.81 -14.99
N ASP D 271 29.90 13.30 -15.46
CA ASP D 271 29.91 12.61 -16.74
C ASP D 271 29.46 11.14 -16.59
N ASN D 272 28.30 10.81 -17.16
CA ASN D 272 27.70 9.48 -16.98
C ASN D 272 28.58 8.32 -17.43
N ARG D 273 29.50 8.55 -18.37
CA ARG D 273 30.43 7.49 -18.76
C ARG D 273 31.23 6.99 -17.59
N PHE D 274 31.41 7.86 -16.58
CA PHE D 274 32.28 7.56 -15.46
C PHE D 274 31.57 6.82 -14.33
N ARG D 275 30.25 6.77 -14.42
CA ARG D 275 29.44 6.12 -13.42
C ARG D 275 29.03 4.75 -13.88
N GLU D 276 29.15 4.45 -15.17
CA GLU D 276 28.85 3.10 -15.64
C GLU D 276 29.56 2.08 -14.76
N LEU D 277 28.86 0.99 -14.52
CA LEU D 277 29.37 -0.07 -13.72
C LEU D 277 30.57 -0.62 -14.49
N ALA D 278 31.69 -0.81 -13.78
CA ALA D 278 32.89 -1.39 -14.34
C ALA D 278 32.77 -2.90 -14.46
N VAL D 279 33.80 -3.56 -14.97
CA VAL D 279 33.76 -5.01 -15.17
C VAL D 279 35.07 -5.69 -14.84
N ASN D 280 35.02 -7.01 -14.89
CA ASN D 280 36.20 -7.82 -14.76
C ASN D 280 36.83 -7.91 -16.14
N HIS D 281 38.08 -7.48 -16.26
CA HIS D 281 38.91 -7.76 -17.42
C HIS D 281 38.56 -9.18 -17.88
N GLN D 282 38.73 -10.16 -16.99
CA GLN D 282 38.47 -11.57 -17.32
C GLN D 282 36.96 -11.90 -17.48
N GLU D 286 37.54 -11.42 -24.87
CA GLU D 286 38.68 -11.24 -25.76
C GLU D 286 38.23 -10.47 -27.01
N SER D 287 37.07 -10.84 -27.54
CA SER D 287 36.39 -9.99 -28.54
C SER D 287 36.01 -8.68 -27.83
N SER D 288 34.94 -8.77 -27.02
CA SER D 288 34.43 -7.62 -26.24
C SER D 288 35.55 -6.90 -25.48
N LYS D 289 36.63 -7.62 -25.17
CA LYS D 289 37.76 -7.10 -24.38
C LYS D 289 38.57 -6.01 -25.12
N SER D 290 38.74 -6.20 -26.43
CA SER D 290 39.24 -5.13 -27.31
C SER D 290 38.38 -3.86 -27.17
N GLU D 291 37.25 -3.80 -27.87
CA GLU D 291 36.38 -2.60 -27.93
C GLU D 291 36.21 -1.81 -26.63
N LEU D 292 36.67 -2.35 -25.50
CA LEU D 292 36.68 -1.61 -24.24
C LEU D 292 37.95 -0.81 -24.05
N ASN D 293 39.08 -1.36 -24.47
CA ASN D 293 40.33 -0.59 -24.45
C ASN D 293 40.18 0.78 -25.10
N GLY D 294 39.39 0.82 -26.17
CA GLY D 294 39.06 2.06 -26.84
C GLY D 294 38.35 2.98 -25.89
N TYR D 295 37.11 2.67 -25.59
CA TYR D 295 36.31 3.41 -24.61
C TYR D 295 37.07 3.97 -23.43
N LEU D 296 38.03 3.22 -22.91
CA LEU D 296 38.71 3.63 -21.69
C LEU D 296 39.81 4.58 -22.02
N GLU D 297 40.33 4.47 -23.25
CA GLU D 297 41.39 5.36 -23.72
C GLU D 297 40.83 6.78 -23.80
N SER D 298 39.54 6.88 -24.12
CA SER D 298 38.90 8.18 -24.27
C SER D 298 38.54 8.79 -22.91
N LEU D 299 38.01 7.95 -22.04
CA LEU D 299 37.82 8.28 -20.63
C LEU D 299 39.07 8.90 -20.00
N ILE D 300 40.19 8.23 -20.18
CA ILE D 300 41.50 8.69 -19.73
C ILE D 300 41.90 10.06 -20.34
N GLN D 301 41.51 10.33 -21.60
CA GLN D 301 41.78 11.65 -22.20
C GLN D 301 40.95 12.67 -21.43
N THR D 302 39.71 12.31 -21.16
CA THR D 302 38.84 13.19 -20.40
C THR D 302 39.31 13.37 -18.95
N LEU D 303 39.99 12.36 -18.41
CA LEU D 303 40.50 12.47 -17.03
C LEU D 303 41.60 13.48 -17.02
N SER D 304 42.60 13.27 -17.88
CA SER D 304 43.72 14.20 -18.07
C SER D 304 43.24 15.60 -18.42
N GLU D 305 42.32 15.73 -19.35
CA GLU D 305 41.76 17.06 -19.64
C GLU D 305 41.26 17.72 -18.35
N ASN D 306 40.44 17.00 -17.58
CA ASN D 306 39.90 17.54 -16.32
C ASN D 306 40.91 17.74 -15.22
N ALA D 307 42.01 17.01 -15.27
CA ALA D 307 43.11 17.19 -14.35
C ALA D 307 44.01 18.40 -14.76
N GLU D 308 44.25 18.61 -16.05
CA GLU D 308 45.02 19.78 -16.46
C GLU D 308 44.29 21.10 -16.11
N THR D 309 42.99 21.05 -15.81
CA THR D 309 42.24 22.27 -15.49
C THR D 309 42.06 22.46 -14.00
N LEU D 310 42.52 21.50 -13.19
CA LEU D 310 42.37 21.60 -11.75
C LEU D 310 43.03 22.85 -11.24
N THR D 311 42.36 23.59 -10.38
CA THR D 311 42.96 24.77 -9.75
C THR D 311 43.22 24.60 -8.26
N PRO D 312 44.15 25.40 -7.72
CA PRO D 312 44.25 25.34 -6.28
C PRO D 312 42.90 25.59 -5.60
N GLU D 313 42.15 26.58 -6.05
CA GLU D 313 40.87 26.91 -5.43
C GLU D 313 40.03 25.65 -5.32
N GLN D 314 39.95 24.87 -6.39
CA GLN D 314 39.13 23.66 -6.37
C GLN D 314 39.68 22.61 -5.39
N ILE D 315 40.99 22.55 -5.26
CA ILE D 315 41.57 21.63 -4.31
C ILE D 315 41.26 22.11 -2.90
N PHE D 316 41.52 23.39 -2.61
CA PHE D 316 41.11 23.91 -1.31
C PHE D 316 39.63 23.70 -1.07
N GLN D 317 38.81 23.80 -2.11
CA GLN D 317 37.37 23.69 -1.93
C GLN D 317 36.90 22.29 -1.62
N SER D 318 37.73 21.28 -1.76
CA SER D 318 37.30 19.95 -1.39
C SER D 318 37.88 19.46 -0.02
N GLN D 319 38.35 20.39 0.80
CA GLN D 319 38.94 20.12 2.11
C GLN D 319 37.92 19.77 3.19
N ASP D 320 36.65 19.92 2.84
CA ASP D 320 35.56 19.48 3.67
C ASP D 320 35.19 18.06 3.39
N SER D 321 35.99 17.28 2.66
CA SER D 321 35.49 15.95 2.30
C SER D 321 35.88 14.95 3.39
N ASP D 322 35.47 13.68 3.22
CA ASP D 322 35.74 12.64 4.19
C ASP D 322 36.93 11.88 3.68
N PHE D 323 38.06 12.12 4.32
CA PHE D 323 39.35 11.55 3.97
C PHE D 323 39.64 10.28 4.78
N ASP D 324 38.78 9.92 5.72
CA ASP D 324 38.99 8.75 6.58
C ASP D 324 37.68 8.06 6.92
N PRO D 325 37.07 7.38 5.94
CA PRO D 325 35.82 6.68 6.18
C PRO D 325 35.93 5.58 7.20
N TYR D 326 37.08 4.94 7.30
CA TYR D 326 37.20 3.93 8.34
C TYR D 326 36.92 4.60 9.69
N GLN D 327 37.38 5.83 9.91
CA GLN D 327 37.03 6.51 11.15
C GLN D 327 35.57 6.87 11.15
N SER D 328 35.08 7.46 10.08
CA SER D 328 33.74 8.05 10.12
C SER D 328 32.67 7.02 10.33
N THR D 329 32.84 5.83 9.78
CA THR D 329 31.84 4.80 10.00
C THR D 329 31.99 4.19 11.37
N GLN D 330 33.15 4.31 11.99
CA GLN D 330 33.32 3.72 13.29
C GLN D 330 32.61 4.54 14.33
N LEU D 331 32.73 5.85 14.19
CA LEU D 331 31.98 6.78 14.98
C LEU D 331 30.51 6.51 14.81
N VAL D 332 30.03 6.38 13.58
CA VAL D 332 28.61 6.13 13.40
C VAL D 332 28.12 4.86 14.10
N PHE D 333 28.92 3.82 13.95
CA PHE D 333 28.60 2.51 14.49
C PHE D 333 28.46 2.58 16.02
N ARG D 334 29.45 3.20 16.67
CA ARG D 334 29.46 3.38 18.13
C ARG D 334 28.41 4.36 18.64
N GLN D 335 27.93 5.19 17.74
CA GLN D 335 26.87 6.10 18.05
C GLN D 335 25.67 5.25 18.26
N LEU D 336 25.44 4.32 17.35
CA LEU D 336 24.29 3.40 17.46
C LEU D 336 24.38 2.33 18.58
N LEU D 337 25.51 2.23 19.26
CA LEU D 337 25.73 1.22 20.32
C LEU D 337 25.59 1.78 21.72
N THR D 338 25.14 3.03 21.81
CA THR D 338 24.87 3.67 23.09
C THR D 338 23.47 3.32 23.56
#